data_3I05
#
_entry.id   3I05
#
_cell.length_a   51.294
_cell.length_b   51.426
_cell.length_c   89.970
_cell.angle_alpha   95.290
_cell.angle_beta   100.140
_cell.angle_gamma   106.050
#
_symmetry.space_group_name_H-M   'P 1'
#
_entity_poly.entity_id   1
_entity_poly.type   'polypeptide(L)'
_entity_poly.pdbx_seq_one_letter_code
;MAHHHHHHEAVVTPWSVEGDVNYDKLIKDFGSHAIDEALLERIERVLGKKPHHFLRRGIFFSHRDLNLLLDVYESGQPFY
LYTGRGPSSESMHMGHLIPFMFTKWLQDSFRVPLVIQMTDDEKFYFRNIPMEQVEAMTTENIKDIIAMGFDPELTFIFRD
FDYMGCMYRTVAKIERAFTASQVRGCFGFAMEDNCGRWMFPAIQAAPSFSAAFPHIFPPSMGNVFCLIPQAIDQDPYFRL
TRDIAPRLGYLKPAVIHSKFFPGLSGPKGKMSSSSGTAVLLTDTEKMVKDKINKHAFSGGGATKQEHFLLGANVEVDVPI
QWLSFFLEDDEELARVKKEYMLGRIMTGEVKKLLINTITAITKTHQEKRKLVTDEDVQLFTSTRIMGPAKKAATQ
;
_entity_poly.pdbx_strand_id   A,B
#
# COMPACT_ATOMS: atom_id res chain seq x y z
N ASN A 22 -19.99 36.49 -3.04
CA ASN A 22 -19.77 35.36 -2.09
C ASN A 22 -18.93 34.28 -2.74
N TYR A 23 -19.45 33.71 -3.83
CA TYR A 23 -18.77 32.63 -4.54
C TYR A 23 -17.79 33.17 -5.56
N ASP A 24 -18.15 34.27 -6.21
CA ASP A 24 -17.27 34.92 -7.18
C ASP A 24 -15.95 35.32 -6.51
N LYS A 25 -16.05 35.72 -5.24
CA LYS A 25 -14.86 35.99 -4.42
C LYS A 25 -14.00 34.73 -4.21
N LEU A 26 -14.64 33.59 -3.98
CA LEU A 26 -13.90 32.31 -3.81
C LEU A 26 -13.20 31.88 -5.09
N ILE A 27 -13.91 31.97 -6.22
CA ILE A 27 -13.33 31.70 -7.52
C ILE A 27 -12.03 32.49 -7.72
N LYS A 28 -12.04 33.78 -7.33
CA LYS A 28 -10.90 34.66 -7.56
C LYS A 28 -9.63 34.23 -6.78
N ASP A 29 -9.77 33.89 -5.50
CA ASP A 29 -8.59 33.60 -4.65
C ASP A 29 -8.26 32.10 -4.42
N PHE A 30 -8.92 31.20 -5.15
CA PHE A 30 -8.57 29.77 -5.12
C PHE A 30 -7.82 29.38 -6.38
N GLY A 31 -7.33 30.40 -7.09
CA GLY A 31 -7.89 30.80 -8.37
C GLY A 31 -8.52 29.72 -9.25
N SER A 32 -9.72 29.99 -9.73
CA SER A 32 -10.48 29.01 -10.50
C SER A 32 -11.03 29.63 -11.78
N HIS A 33 -12.12 29.08 -12.31
CA HIS A 33 -12.82 29.65 -13.45
C HIS A 33 -14.31 29.45 -13.29
N ALA A 34 -15.07 30.54 -13.49
CA ALA A 34 -16.52 30.50 -13.42
C ALA A 34 -17.07 29.70 -14.61
N ILE A 35 -18.22 29.07 -14.43
CA ILE A 35 -18.95 28.45 -15.55
C ILE A 35 -19.89 29.49 -16.15
N ASP A 36 -19.49 30.07 -17.28
CA ASP A 36 -20.28 31.11 -17.95
C ASP A 36 -21.37 30.52 -18.86
N GLU A 37 -22.16 31.40 -19.49
CA GLU A 37 -23.21 31.00 -20.44
C GLU A 37 -22.62 30.30 -21.68
N ALA A 38 -21.46 30.76 -22.13
CA ALA A 38 -20.82 30.17 -23.30
C ALA A 38 -20.52 28.68 -23.09
N LEU A 39 -20.05 28.34 -21.89
CA LEU A 39 -19.73 26.96 -21.54
C LEU A 39 -20.99 26.10 -21.38
N LEU A 40 -22.11 26.73 -21.00
CA LEU A 40 -23.38 26.03 -20.90
C LEU A 40 -23.92 25.70 -22.28
N GLU A 41 -23.77 26.63 -23.21
CA GLU A 41 -24.17 26.41 -24.59
C GLU A 41 -23.28 25.32 -25.19
N ARG A 42 -22.01 25.28 -24.80
CA ARG A 42 -21.10 24.24 -25.29
C ARG A 42 -21.49 22.85 -24.81
N ILE A 43 -21.78 22.75 -23.52
CA ILE A 43 -22.22 21.49 -22.97
C ILE A 43 -23.48 21.03 -23.71
N GLU A 44 -24.39 21.97 -24.01
CA GLU A 44 -25.64 21.61 -24.68
C GLU A 44 -25.45 21.06 -26.11
N ARG A 45 -24.67 21.72 -26.95
CA ARG A 45 -24.49 21.19 -28.31
C ARG A 45 -23.64 19.92 -28.33
N VAL A 46 -22.78 19.74 -27.33
CA VAL A 46 -21.95 18.53 -27.25
C VAL A 46 -22.80 17.30 -26.89
N LEU A 47 -23.75 17.49 -25.99
CA LEU A 47 -24.60 16.38 -25.55
C LEU A 47 -25.88 16.24 -26.38
N GLY A 48 -26.31 17.30 -27.07
CA GLY A 48 -27.58 17.28 -27.80
C GLY A 48 -28.80 17.39 -26.89
N LYS A 49 -28.60 17.89 -25.68
CA LYS A 49 -29.67 18.04 -24.69
C LYS A 49 -29.44 19.32 -23.89
N LYS A 50 -30.36 19.61 -22.97
CA LYS A 50 -30.16 20.65 -21.97
C LYS A 50 -29.21 20.14 -20.89
N PRO A 51 -28.37 21.02 -20.33
CA PRO A 51 -27.62 20.59 -19.16
C PRO A 51 -28.52 20.26 -17.96
N HIS A 52 -27.98 19.45 -17.04
CA HIS A 52 -28.60 19.09 -15.77
C HIS A 52 -28.97 20.36 -15.01
N HIS A 53 -30.02 20.29 -14.21
CA HIS A 53 -30.43 21.48 -13.48
C HIS A 53 -29.33 22.06 -12.57
N PHE A 54 -28.40 21.23 -12.09
CA PHE A 54 -27.31 21.74 -11.26
C PHE A 54 -26.53 22.80 -12.01
N LEU A 55 -26.29 22.56 -13.30
CA LEU A 55 -25.57 23.53 -14.13
C LEU A 55 -26.48 24.73 -14.49
N ARG A 56 -27.70 24.46 -14.95
CA ARG A 56 -28.61 25.54 -15.37
C ARG A 56 -28.86 26.50 -14.21
N ARG A 57 -29.00 25.95 -13.02
CA ARG A 57 -29.30 26.73 -11.83
C ARG A 57 -28.02 27.20 -11.14
N GLY A 58 -26.88 26.81 -11.69
CA GLY A 58 -25.59 27.29 -11.20
C GLY A 58 -25.18 26.74 -9.85
N ILE A 59 -25.55 25.50 -9.58
CA ILE A 59 -25.16 24.85 -8.33
C ILE A 59 -23.74 24.34 -8.52
N PHE A 60 -23.52 23.66 -9.64
CA PHE A 60 -22.17 23.40 -10.11
C PHE A 60 -21.82 24.60 -10.95
N PHE A 61 -20.92 25.44 -10.43
CA PHE A 61 -20.74 26.82 -10.93
C PHE A 61 -19.32 27.17 -11.38
N SER A 62 -18.33 26.40 -10.93
CA SER A 62 -16.95 26.70 -11.24
C SER A 62 -16.21 25.46 -11.74
N HIS A 63 -15.04 25.65 -12.33
CA HIS A 63 -14.31 24.53 -12.92
C HIS A 63 -12.85 24.82 -13.16
N ARG A 64 -12.12 23.74 -13.42
CA ARG A 64 -10.74 23.81 -13.87
C ARG A 64 -10.59 22.85 -15.03
N ASP A 65 -10.04 23.32 -16.14
CA ASP A 65 -9.70 22.47 -17.29
C ASP A 65 -10.90 21.76 -17.96
N LEU A 66 -12.11 22.21 -17.70
CA LEU A 66 -13.28 21.57 -18.28
C LEU A 66 -13.28 21.69 -19.79
N ASN A 67 -12.90 22.86 -20.30
N ASN A 67 -12.90 22.87 -20.28
CA ASN A 67 -12.83 23.09 -21.74
CA ASN A 67 -12.78 23.13 -21.71
C ASN A 67 -11.83 22.14 -22.40
C ASN A 67 -11.84 22.15 -22.39
N LEU A 68 -10.67 21.95 -21.77
CA LEU A 68 -9.71 20.97 -22.22
C LEU A 68 -10.36 19.58 -22.28
N LEU A 69 -11.08 19.21 -21.23
CA LEU A 69 -11.71 17.90 -21.22
C LEU A 69 -12.67 17.77 -22.39
N LEU A 70 -13.49 18.80 -22.60
CA LEU A 70 -14.46 18.77 -23.69
C LEU A 70 -13.79 18.74 -25.06
N ASP A 71 -12.70 19.46 -25.24
CA ASP A 71 -11.91 19.36 -26.48
C ASP A 71 -11.56 17.90 -26.72
N VAL A 72 -10.94 17.29 -25.71
CA VAL A 72 -10.57 15.88 -25.72
C VAL A 72 -11.72 14.95 -26.14
N TYR A 73 -12.90 15.19 -25.57
CA TYR A 73 -14.06 14.34 -25.83
C TYR A 73 -14.54 14.48 -27.25
N GLU A 74 -14.62 15.72 -27.72
CA GLU A 74 -15.10 16.02 -29.05
C GLU A 74 -14.16 15.51 -30.13
N SER A 75 -12.94 15.17 -29.73
CA SER A 75 -11.98 14.57 -30.63
C SER A 75 -12.11 13.06 -30.70
N GLY A 76 -13.05 12.51 -29.95
CA GLY A 76 -13.21 11.06 -29.89
C GLY A 76 -12.42 10.35 -28.79
N GLN A 77 -11.61 11.09 -28.03
CA GLN A 77 -10.95 10.50 -26.86
C GLN A 77 -11.99 10.25 -25.76
N PRO A 78 -11.70 9.26 -24.90
CA PRO A 78 -12.51 9.02 -23.72
C PRO A 78 -12.01 9.88 -22.57
N PHE A 79 -12.84 10.05 -21.54
CA PHE A 79 -12.35 10.58 -20.26
C PHE A 79 -13.02 9.74 -19.19
N TYR A 80 -12.80 10.05 -17.91
CA TYR A 80 -13.53 9.36 -16.87
C TYR A 80 -13.84 10.22 -15.69
N LEU A 81 -14.74 9.73 -14.84
CA LEU A 81 -15.18 10.44 -13.64
C LEU A 81 -14.63 9.73 -12.40
N TYR A 82 -14.36 10.51 -11.36
CA TYR A 82 -13.83 9.98 -10.10
C TYR A 82 -14.45 10.75 -8.97
N THR A 83 -15.30 10.08 -8.22
CA THR A 83 -15.81 10.61 -6.98
C THR A 83 -15.44 9.59 -5.92
N GLY A 84 -15.59 9.95 -4.65
CA GLY A 84 -15.29 9.05 -3.53
C GLY A 84 -16.33 9.12 -2.44
N ARG A 85 -16.18 8.28 -1.42
CA ARG A 85 -17.15 8.18 -0.36
C ARG A 85 -16.49 7.63 0.89
N GLY A 86 -16.48 8.43 1.95
CA GLY A 86 -15.99 7.98 3.24
C GLY A 86 -17.03 7.17 3.97
N PRO A 87 -16.70 5.93 4.38
CA PRO A 87 -17.72 5.13 5.04
C PRO A 87 -18.23 5.76 6.33
N SER A 88 -19.55 5.74 6.52
CA SER A 88 -20.14 6.12 7.78
C SER A 88 -20.98 4.98 8.29
N SER A 89 -21.19 4.97 9.61
CA SER A 89 -21.98 3.97 10.30
C SER A 89 -23.41 4.48 10.37
N GLU A 90 -23.94 4.83 9.21
CA GLU A 90 -25.18 5.59 9.13
C GLU A 90 -25.62 5.41 7.67
N SER A 91 -26.57 6.25 7.24
CA SER A 91 -27.01 6.29 5.85
C SER A 91 -26.73 7.68 5.34
N MET A 92 -26.55 7.81 4.03
CA MET A 92 -26.16 9.08 3.45
C MET A 92 -27.17 10.16 3.81
N HIS A 93 -26.67 11.38 4.02
CA HIS A 93 -27.55 12.53 4.24
C HIS A 93 -28.04 12.94 2.86
N MET A 94 -29.15 13.68 2.79
CA MET A 94 -29.64 14.13 1.50
C MET A 94 -28.55 14.89 0.75
N GLY A 95 -27.97 15.87 1.43
CA GLY A 95 -26.84 16.63 0.89
C GLY A 95 -25.63 15.84 0.39
N HIS A 96 -25.50 14.57 0.75
CA HIS A 96 -24.40 13.75 0.24
C HIS A 96 -24.66 13.28 -1.19
N LEU A 97 -25.90 13.39 -1.67
CA LEU A 97 -26.30 12.83 -2.96
C LEU A 97 -25.77 13.62 -4.13
N ILE A 98 -25.55 14.90 -3.93
CA ILE A 98 -25.29 15.82 -5.04
C ILE A 98 -24.26 15.26 -6.05
N PRO A 99 -23.01 15.03 -5.62
CA PRO A 99 -22.03 14.56 -6.57
C PRO A 99 -22.40 13.23 -7.23
N PHE A 100 -23.18 12.39 -6.55
CA PHE A 100 -23.59 11.12 -7.14
C PHE A 100 -24.69 11.38 -8.16
N MET A 101 -25.61 12.26 -7.82
CA MET A 101 -26.65 12.62 -8.77
C MET A 101 -26.01 13.18 -10.03
N PHE A 102 -25.02 14.06 -9.88
CA PHE A 102 -24.41 14.73 -11.03
C PHE A 102 -23.48 13.79 -11.80
N THR A 103 -22.69 13.01 -11.06
CA THR A 103 -21.86 11.97 -11.64
C THR A 103 -22.67 11.05 -12.52
N LYS A 104 -23.76 10.53 -11.96
CA LYS A 104 -24.61 9.59 -12.69
C LYS A 104 -25.13 10.23 -13.98
N TRP A 105 -25.54 11.49 -13.90
CA TRP A 105 -25.92 12.21 -15.10
C TRP A 105 -24.73 12.28 -16.08
N LEU A 106 -23.59 12.80 -15.64
CA LEU A 106 -22.45 12.90 -16.53
C LEU A 106 -22.16 11.57 -17.24
N GLN A 107 -22.21 10.49 -16.47
CA GLN A 107 -21.93 9.14 -16.96
C GLN A 107 -22.94 8.68 -18.01
N ASP A 108 -24.23 8.83 -17.69
CA ASP A 108 -25.30 8.51 -18.64
C ASP A 108 -25.14 9.34 -19.93
N SER A 109 -24.87 10.63 -19.77
CA SER A 109 -24.77 11.55 -20.90
C SER A 109 -23.58 11.27 -21.79
N PHE A 110 -22.39 11.38 -21.22
CA PHE A 110 -21.14 11.21 -21.99
C PHE A 110 -20.77 9.75 -22.26
N ARG A 111 -21.45 8.81 -21.62
CA ARG A 111 -21.17 7.38 -21.81
C ARG A 111 -19.72 7.09 -21.42
N VAL A 112 -19.33 7.54 -20.22
CA VAL A 112 -17.95 7.42 -19.73
C VAL A 112 -17.87 6.58 -18.44
N PRO A 113 -16.68 6.06 -18.11
CA PRO A 113 -16.50 5.31 -16.87
C PRO A 113 -16.57 6.18 -15.65
N LEU A 114 -16.97 5.59 -14.52
CA LEU A 114 -16.98 6.27 -13.24
C LEU A 114 -16.27 5.41 -12.23
N VAL A 115 -15.34 6.01 -11.52
CA VAL A 115 -14.57 5.30 -10.51
C VAL A 115 -14.99 5.84 -9.13
N ILE A 116 -15.50 4.97 -8.25
CA ILE A 116 -15.92 5.39 -6.91
C ILE A 116 -15.01 4.77 -5.84
N GLN A 117 -14.30 5.63 -5.10
CA GLN A 117 -13.35 5.17 -4.10
C GLN A 117 -14.00 5.13 -2.73
N MET A 118 -13.95 3.97 -2.09
CA MET A 118 -14.42 3.84 -0.73
C MET A 118 -13.21 3.92 0.17
N THR A 119 -13.08 4.97 0.95
CA THR A 119 -11.88 5.21 1.74
C THR A 119 -11.95 4.48 3.06
N ASP A 120 -12.01 3.16 2.99
CA ASP A 120 -12.13 2.36 4.21
C ASP A 120 -10.86 2.46 5.06
N ASP A 121 -9.71 2.52 4.41
CA ASP A 121 -8.46 2.75 5.16
C ASP A 121 -8.43 4.09 5.90
N GLU A 122 -9.01 5.11 5.28
CA GLU A 122 -9.04 6.44 5.89
C GLU A 122 -9.88 6.46 7.19
N LYS A 123 -11.05 5.84 7.16
CA LYS A 123 -11.89 5.76 8.36
C LYS A 123 -11.16 5.02 9.48
N PHE A 124 -10.55 3.90 9.11
CA PHE A 124 -9.73 3.11 10.01
C PHE A 124 -8.61 3.91 10.65
N TYR A 125 -7.91 4.73 9.88
CA TYR A 125 -6.77 5.52 10.40
C TYR A 125 -7.20 6.73 11.24
N PHE A 126 -8.39 7.24 10.99
CA PHE A 126 -8.84 8.50 11.59
C PHE A 126 -9.52 8.28 12.93
N ARG A 127 -10.53 7.42 12.92
CA ARG A 127 -11.21 6.98 14.13
C ARG A 127 -10.47 5.77 14.63
N ASN A 128 -10.49 5.53 15.93
CA ASN A 128 -10.01 4.26 16.48
C ASN A 128 -11.15 3.23 16.48
N ILE A 129 -11.33 2.58 15.32
CA ILE A 129 -12.37 1.57 15.11
C ILE A 129 -11.70 0.31 14.62
N PRO A 130 -12.26 -0.86 14.98
CA PRO A 130 -11.74 -2.13 14.47
C PRO A 130 -12.06 -2.34 13.01
N MET A 131 -11.03 -2.76 12.24
CA MET A 131 -11.14 -2.95 10.81
C MET A 131 -12.40 -3.69 10.34
N GLU A 132 -12.81 -4.72 11.05
CA GLU A 132 -13.93 -5.52 10.59
C GLU A 132 -15.22 -4.74 10.72
N GLN A 133 -15.22 -3.72 11.57
CA GLN A 133 -16.37 -2.83 11.69
C GLN A 133 -16.41 -1.81 10.56
N VAL A 134 -15.25 -1.28 10.19
CA VAL A 134 -15.12 -0.41 9.01
C VAL A 134 -15.51 -1.14 7.72
N GLU A 135 -14.99 -2.34 7.55
CA GLU A 135 -15.26 -3.11 6.34
C GLU A 135 -16.77 -3.38 6.23
N ALA A 136 -17.41 -3.65 7.36
CA ALA A 136 -18.82 -3.97 7.38
C ALA A 136 -19.64 -2.75 7.04
N MET A 137 -19.25 -1.58 7.54
CA MET A 137 -20.01 -0.37 7.24
C MET A 137 -19.76 0.05 5.79
N THR A 138 -18.53 -0.12 5.32
CA THR A 138 -18.23 0.13 3.92
C THR A 138 -19.14 -0.68 3.00
N THR A 139 -19.31 -1.98 3.25
CA THR A 139 -20.24 -2.80 2.46
C THR A 139 -21.59 -2.13 2.35
N GLU A 140 -22.10 -1.64 3.47
CA GLU A 140 -23.43 -1.01 3.51
C GLU A 140 -23.42 0.30 2.71
N ASN A 141 -22.37 1.09 2.84
CA ASN A 141 -22.31 2.32 2.03
C ASN A 141 -22.25 2.01 0.54
N ILE A 142 -21.61 0.91 0.18
CA ILE A 142 -21.56 0.49 -1.22
C ILE A 142 -22.96 0.15 -1.74
N LYS A 143 -23.77 -0.48 -0.90
CA LYS A 143 -25.16 -0.81 -1.28
C LYS A 143 -25.98 0.45 -1.54
N ASP A 144 -25.84 1.45 -0.66
CA ASP A 144 -26.53 2.72 -0.79
C ASP A 144 -26.26 3.29 -2.18
N ILE A 145 -25.00 3.19 -2.62
CA ILE A 145 -24.59 3.73 -3.91
C ILE A 145 -25.18 2.95 -5.08
N ILE A 146 -25.01 1.63 -5.07
CA ILE A 146 -25.58 0.80 -6.14
C ILE A 146 -27.09 1.05 -6.28
N ALA A 147 -27.76 1.33 -5.16
CA ALA A 147 -29.19 1.61 -5.18
C ALA A 147 -29.55 2.91 -5.94
N MET A 148 -28.56 3.74 -6.25
CA MET A 148 -28.78 4.95 -7.04
C MET A 148 -28.96 4.70 -8.55
N GLY A 149 -28.73 3.47 -9.00
CA GLY A 149 -29.05 3.07 -10.37
C GLY A 149 -27.85 3.15 -11.31
N PHE A 150 -26.66 3.28 -10.73
CA PHE A 150 -25.42 3.35 -11.52
C PHE A 150 -25.25 2.12 -12.41
N ASP A 151 -24.87 2.34 -13.66
CA ASP A 151 -24.71 1.29 -14.64
C ASP A 151 -23.43 0.48 -14.43
N PRO A 152 -23.57 -0.79 -14.02
CA PRO A 152 -22.38 -1.58 -13.72
C PRO A 152 -21.49 -1.87 -14.91
N GLU A 153 -21.95 -1.55 -16.11
CA GLU A 153 -21.10 -1.68 -17.30
C GLU A 153 -20.02 -0.58 -17.34
N LEU A 154 -20.28 0.53 -16.67
CA LEU A 154 -19.35 1.66 -16.67
C LEU A 154 -19.07 2.24 -15.31
N THR A 155 -19.30 1.48 -14.24
CA THR A 155 -19.03 2.00 -12.90
C THR A 155 -18.27 0.98 -12.04
N PHE A 156 -17.19 1.46 -11.41
CA PHE A 156 -16.25 0.65 -10.64
C PHE A 156 -16.07 1.21 -9.23
N ILE A 157 -16.68 0.54 -8.26
CA ILE A 157 -16.59 0.92 -6.85
C ILE A 157 -15.45 0.11 -6.25
N PHE A 158 -14.52 0.73 -5.54
CA PHE A 158 -13.43 -0.03 -4.95
C PHE A 158 -13.15 0.33 -3.49
N ARG A 159 -12.70 -0.67 -2.75
CA ARG A 159 -12.31 -0.56 -1.35
C ARG A 159 -10.80 -0.36 -1.31
N ASP A 160 -10.31 0.68 -0.64
CA ASP A 160 -8.87 0.87 -0.61
C ASP A 160 -8.16 -0.41 -0.13
N PHE A 161 -8.73 -1.06 0.89
CA PHE A 161 -8.10 -2.26 1.46
C PHE A 161 -7.87 -3.37 0.46
N ASP A 162 -8.73 -3.45 -0.57
CA ASP A 162 -8.61 -4.47 -1.61
C ASP A 162 -7.87 -3.97 -2.83
N TYR A 163 -8.12 -2.74 -3.23
CA TYR A 163 -7.61 -2.24 -4.49
C TYR A 163 -6.23 -1.61 -4.40
N MET A 164 -5.82 -1.15 -3.23
CA MET A 164 -4.41 -0.84 -3.01
C MET A 164 -3.65 -2.07 -3.44
N GLY A 165 -2.53 -1.87 -4.12
CA GLY A 165 -1.79 -3.00 -4.63
C GLY A 165 -2.04 -3.19 -6.10
N CYS A 166 -3.30 -3.13 -6.52
CA CYS A 166 -3.59 -2.88 -7.92
C CYS A 166 -2.97 -1.55 -8.32
N MET A 167 -3.16 -0.52 -7.50
CA MET A 167 -2.72 0.84 -7.84
C MET A 167 -1.49 1.35 -7.05
N TYR A 168 -0.86 0.49 -6.27
CA TYR A 168 0.25 0.92 -5.41
C TYR A 168 1.37 1.69 -6.15
N ARG A 169 1.62 1.38 -7.42
CA ARG A 169 2.73 2.00 -8.14
C ARG A 169 2.45 3.48 -8.37
N THR A 170 1.21 3.78 -8.72
CA THR A 170 0.82 5.16 -8.88
C THR A 170 0.75 5.85 -7.51
N VAL A 171 0.30 5.13 -6.48
CA VAL A 171 0.36 5.67 -5.13
C VAL A 171 1.79 6.04 -4.76
N ALA A 172 2.70 5.10 -5.02
CA ALA A 172 4.12 5.25 -4.67
C ALA A 172 4.73 6.49 -5.32
N LYS A 173 4.31 6.79 -6.53
CA LYS A 173 4.84 7.92 -7.26
C LYS A 173 4.41 9.24 -6.62
N ILE A 174 3.24 9.25 -5.99
CA ILE A 174 2.72 10.45 -5.34
C ILE A 174 3.32 10.59 -3.95
N GLU A 175 3.38 9.49 -3.20
CA GLU A 175 4.06 9.51 -1.90
C GLU A 175 5.48 10.10 -2.01
N ARG A 176 6.22 9.62 -3.00
CA ARG A 176 7.57 10.14 -3.24
C ARG A 176 7.59 11.63 -3.66
N ALA A 177 6.51 12.08 -4.29
CA ALA A 177 6.42 13.48 -4.74
C ALA A 177 6.07 14.42 -3.61
N PHE A 178 5.18 13.98 -2.73
CA PHE A 178 4.78 14.76 -1.55
C PHE A 178 5.81 14.70 -0.43
N THR A 179 6.10 15.83 0.21
CA THR A 179 6.95 15.84 1.41
C THR A 179 6.11 15.96 2.67
N ALA A 180 6.62 15.42 3.77
CA ALA A 180 5.90 15.46 5.06
C ALA A 180 5.54 16.88 5.40
N SER A 181 6.50 17.78 5.30
CA SER A 181 6.23 19.20 5.50
C SER A 181 4.98 19.64 4.71
N GLN A 182 4.89 19.29 3.43
CA GLN A 182 3.79 19.78 2.59
C GLN A 182 2.45 19.23 3.04
N VAL A 183 2.34 17.92 3.20
CA VAL A 183 1.06 17.35 3.62
C VAL A 183 0.70 17.86 5.00
N ARG A 184 1.69 18.08 5.87
CA ARG A 184 1.43 18.76 7.14
C ARG A 184 0.76 20.08 6.85
N GLY A 185 1.35 20.83 5.92
CA GLY A 185 0.88 22.15 5.57
C GLY A 185 -0.56 22.18 5.17
N CYS A 186 -0.98 21.28 4.29
CA CYS A 186 -2.37 21.25 3.82
C CYS A 186 -3.27 20.75 4.90
N PHE A 187 -2.99 19.55 5.36
CA PHE A 187 -3.96 18.83 6.17
C PHE A 187 -3.85 19.06 7.67
N GLY A 188 -2.78 19.70 8.12
CA GLY A 188 -2.60 20.01 9.53
C GLY A 188 -2.42 18.79 10.41
N PHE A 189 -1.61 17.83 9.96
CA PHE A 189 -1.34 16.66 10.80
C PHE A 189 -0.32 16.97 11.88
N ALA A 190 -0.62 16.50 13.10
CA ALA A 190 0.29 16.58 14.25
C ALA A 190 1.27 15.39 14.26
N MET A 191 2.40 15.57 14.92
CA MET A 191 3.35 14.48 15.08
C MET A 191 2.76 13.30 15.86
N GLU A 192 1.81 13.58 16.74
CA GLU A 192 1.14 12.55 17.52
C GLU A 192 0.04 11.88 16.74
N ASP A 193 -0.21 12.34 15.51
CA ASP A 193 -1.09 11.62 14.56
C ASP A 193 -0.36 10.44 13.95
N ASN A 194 -1.08 9.35 13.75
CA ASN A 194 -0.48 8.11 13.31
C ASN A 194 -0.08 8.18 11.85
N CYS A 195 0.83 7.28 11.46
CA CYS A 195 1.38 7.22 10.12
C CYS A 195 0.36 6.96 9.05
N GLY A 196 -0.71 6.28 9.39
CA GLY A 196 -1.79 6.07 8.44
C GLY A 196 -2.33 7.39 7.92
N ARG A 197 -2.58 8.34 8.82
CA ARG A 197 -3.07 9.66 8.41
C ARG A 197 -2.08 10.39 7.53
N TRP A 198 -0.81 10.33 7.87
CA TRP A 198 0.17 11.07 7.08
C TRP A 198 0.24 10.57 5.64
N MET A 199 0.12 9.24 5.44
CA MET A 199 0.28 8.64 4.12
C MET A 199 -0.99 8.68 3.26
N PHE A 200 -2.13 8.91 3.87
CA PHE A 200 -3.37 8.76 3.12
C PHE A 200 -3.54 9.76 1.95
N PRO A 201 -3.14 11.03 2.11
CA PRO A 201 -3.37 11.95 1.00
C PRO A 201 -3.00 11.41 -0.39
N ALA A 202 -1.90 10.71 -0.52
CA ALA A 202 -1.50 10.14 -1.82
C ALA A 202 -2.48 9.06 -2.29
N ILE A 203 -3.06 8.30 -1.36
CA ILE A 203 -4.03 7.30 -1.72
C ILE A 203 -5.28 7.95 -2.31
N GLN A 204 -5.67 9.10 -1.74
CA GLN A 204 -6.80 9.86 -2.23
C GLN A 204 -6.48 10.53 -3.55
N ALA A 205 -5.22 10.89 -3.75
CA ALA A 205 -4.77 11.50 -4.99
C ALA A 205 -4.84 10.50 -6.12
N ALA A 206 -4.33 9.30 -5.86
CA ALA A 206 -4.03 8.29 -6.90
C ALA A 206 -5.11 8.13 -7.97
N PRO A 207 -6.40 8.00 -7.59
CA PRO A 207 -7.48 7.83 -8.58
C PRO A 207 -7.66 8.99 -9.57
N SER A 208 -7.23 10.20 -9.21
CA SER A 208 -7.20 11.31 -10.17
C SER A 208 -6.44 10.97 -11.45
N PHE A 209 -5.72 9.83 -11.46
CA PHE A 209 -4.82 9.47 -12.58
C PHE A 209 -5.11 8.13 -13.20
N SER A 210 -5.23 8.11 -14.53
CA SER A 210 -5.72 6.93 -15.24
C SER A 210 -4.84 5.74 -15.07
N ALA A 211 -3.57 5.93 -14.78
CA ALA A 211 -2.65 4.82 -14.48
C ALA A 211 -3.13 3.97 -13.34
N ALA A 212 -3.99 4.52 -12.47
CA ALA A 212 -4.47 3.74 -11.31
C ALA A 212 -5.44 2.65 -11.71
N PHE A 213 -5.90 2.64 -12.96
CA PHE A 213 -6.88 1.64 -13.38
C PHE A 213 -6.58 0.98 -14.72
N PRO A 214 -5.51 0.19 -14.81
CA PRO A 214 -5.15 -0.49 -16.06
C PRO A 214 -6.20 -1.49 -16.56
N HIS A 215 -7.01 -2.04 -15.67
CA HIS A 215 -8.12 -2.90 -16.10
C HIS A 215 -9.22 -2.12 -16.81
N ILE A 216 -9.17 -0.78 -16.77
CA ILE A 216 -10.13 0.00 -17.53
C ILE A 216 -9.46 0.94 -18.54
N PHE A 217 -8.25 1.42 -18.24
CA PHE A 217 -7.45 2.19 -19.20
C PHE A 217 -6.08 1.54 -19.39
N PRO A 218 -5.89 0.84 -20.52
CA PRO A 218 -4.63 0.12 -20.68
C PRO A 218 -3.43 1.05 -20.80
N PRO A 219 -2.31 0.71 -20.15
CA PRO A 219 -1.14 1.62 -20.22
C PRO A 219 -0.55 1.84 -21.62
N SER A 220 -0.87 0.96 -22.58
CA SER A 220 -0.43 1.16 -23.98
C SER A 220 -1.18 2.28 -24.71
N MET A 221 -2.26 2.80 -24.11
CA MET A 221 -3.02 3.89 -24.73
C MET A 221 -2.74 5.26 -24.11
N GLY A 222 -1.93 5.27 -23.05
CA GLY A 222 -1.55 6.52 -22.42
C GLY A 222 -2.64 7.10 -21.53
N ASN A 223 -2.56 8.41 -21.29
CA ASN A 223 -3.34 9.04 -20.24
C ASN A 223 -4.73 9.32 -20.73
N VAL A 224 -5.70 9.09 -19.86
CA VAL A 224 -7.08 9.47 -20.11
C VAL A 224 -7.52 10.51 -19.08
N PHE A 225 -8.18 11.55 -19.57
CA PHE A 225 -8.56 12.69 -18.74
C PHE A 225 -9.49 12.26 -17.61
N CYS A 226 -9.37 12.91 -16.47
CA CYS A 226 -10.23 12.62 -15.32
C CYS A 226 -10.98 13.89 -14.94
N LEU A 227 -12.25 13.75 -14.56
CA LEU A 227 -13.08 14.85 -14.10
C LEU A 227 -13.55 14.53 -12.70
N ILE A 228 -13.34 15.45 -11.77
CA ILE A 228 -13.71 15.25 -10.37
C ILE A 228 -14.74 16.32 -9.94
N PRO A 229 -15.98 15.87 -9.61
CA PRO A 229 -16.93 16.78 -8.99
C PRO A 229 -16.69 16.89 -7.49
N GLN A 230 -16.48 18.10 -7.00
CA GLN A 230 -16.24 18.32 -5.57
C GLN A 230 -16.71 19.70 -5.11
N ALA A 231 -17.19 19.81 -3.88
CA ALA A 231 -17.58 21.10 -3.35
C ALA A 231 -16.36 22.00 -3.25
N ILE A 232 -16.57 23.29 -3.50
CA ILE A 232 -15.49 24.27 -3.65
C ILE A 232 -14.49 24.27 -2.48
N ASP A 233 -15.00 24.04 -1.26
CA ASP A 233 -14.15 24.00 -0.05
C ASP A 233 -12.93 23.05 -0.09
N GLN A 234 -13.02 21.93 -0.81
CA GLN A 234 -11.93 20.92 -0.81
C GLN A 234 -10.79 21.23 -1.79
N ASP A 235 -10.99 22.22 -2.67
CA ASP A 235 -9.99 22.59 -3.67
C ASP A 235 -8.57 22.85 -3.13
N PRO A 236 -8.45 23.60 -2.01
CA PRO A 236 -7.15 23.89 -1.41
C PRO A 236 -6.26 22.71 -1.00
N TYR A 237 -6.83 21.52 -0.86
CA TYR A 237 -6.06 20.31 -0.56
C TYR A 237 -5.25 19.88 -1.78
N PHE A 238 -5.81 20.23 -2.92
CA PHE A 238 -5.78 19.44 -4.14
C PHE A 238 -4.98 20.15 -5.23
N ARG A 239 -4.72 21.45 -5.06
CA ARG A 239 -3.66 22.12 -5.83
C ARG A 239 -2.36 21.31 -5.73
N LEU A 240 -2.11 20.70 -4.58
CA LEU A 240 -0.99 19.79 -4.37
C LEU A 240 -0.94 18.69 -5.43
N THR A 241 -2.01 17.91 -5.52
CA THR A 241 -2.05 16.78 -6.46
C THR A 241 -2.12 17.19 -7.93
N ARG A 242 -2.65 18.37 -8.22
CA ARG A 242 -2.78 18.85 -9.60
C ARG A 242 -1.47 19.33 -10.19
N ASP A 243 -0.66 20.00 -9.38
CA ASP A 243 0.54 20.62 -9.91
C ASP A 243 1.67 19.61 -10.13
N ILE A 244 1.56 18.44 -9.51
CA ILE A 244 2.61 17.43 -9.58
C ILE A 244 2.39 16.44 -10.73
N ALA A 245 1.30 16.60 -11.46
CA ALA A 245 0.95 15.67 -12.53
C ALA A 245 1.98 15.60 -13.64
N PRO A 246 2.35 16.75 -14.23
CA PRO A 246 3.30 16.69 -15.34
C PRO A 246 4.69 16.15 -14.99
N ARG A 247 5.12 16.30 -13.74
CA ARG A 247 6.40 15.73 -13.28
C ARG A 247 6.37 14.20 -13.36
N LEU A 248 5.17 13.64 -13.22
CA LEU A 248 4.92 12.21 -13.36
C LEU A 248 4.58 11.86 -14.81
N GLY A 249 4.40 12.89 -15.64
CA GLY A 249 3.97 12.72 -17.02
C GLY A 249 2.50 12.39 -17.06
N TYR A 250 1.77 12.76 -16.01
CA TYR A 250 0.34 12.50 -15.92
C TYR A 250 -0.42 13.75 -16.31
N LEU A 251 -1.73 13.63 -16.37
CA LEU A 251 -2.60 14.68 -16.88
C LEU A 251 -3.29 15.33 -15.68
N LYS A 252 -2.91 16.56 -15.38
CA LYS A 252 -3.62 17.35 -14.36
C LYS A 252 -5.13 17.20 -14.59
N PRO A 253 -5.84 16.63 -13.60
CA PRO A 253 -7.25 16.28 -13.73
C PRO A 253 -8.16 17.48 -13.70
N ALA A 254 -9.23 17.42 -14.48
CA ALA A 254 -10.20 18.52 -14.52
C ALA A 254 -11.08 18.42 -13.29
N VAL A 255 -11.62 19.57 -12.87
CA VAL A 255 -12.50 19.64 -11.72
C VAL A 255 -13.73 20.50 -12.03
N ILE A 256 -14.88 20.11 -11.49
CA ILE A 256 -16.10 20.90 -11.56
C ILE A 256 -16.63 21.14 -10.15
N HIS A 257 -16.87 22.39 -9.79
CA HIS A 257 -17.11 22.79 -8.40
C HIS A 257 -18.57 23.00 -8.08
N SER A 258 -19.01 22.45 -6.95
CA SER A 258 -20.38 22.65 -6.46
C SER A 258 -20.47 23.70 -5.36
N LYS A 259 -21.65 24.29 -5.21
CA LYS A 259 -21.97 25.19 -4.09
C LYS A 259 -22.26 24.38 -2.83
N PHE A 260 -22.21 25.03 -1.68
CA PHE A 260 -22.47 24.34 -0.42
C PHE A 260 -23.90 23.83 -0.36
N PHE A 261 -24.10 22.65 0.22
CA PHE A 261 -25.45 22.23 0.55
C PHE A 261 -25.80 22.81 1.92
N PRO A 262 -26.96 23.47 2.04
CA PRO A 262 -27.38 24.04 3.34
C PRO A 262 -28.06 23.04 4.27
N GLY A 263 -27.60 22.97 5.51
CA GLY A 263 -28.16 22.05 6.52
C GLY A 263 -29.53 22.47 7.05
N LEU A 264 -29.75 22.29 8.36
CA LEU A 264 -31.06 22.52 8.97
C LEU A 264 -30.95 23.21 10.33
N ALA A 278 -30.35 16.39 10.48
CA ALA A 278 -30.33 16.18 9.03
C ALA A 278 -31.27 15.05 8.58
N VAL A 279 -31.55 15.00 7.28
CA VAL A 279 -32.45 14.01 6.68
C VAL A 279 -31.63 12.89 6.05
N LEU A 280 -32.01 11.64 6.31
CA LEU A 280 -31.27 10.46 5.82
C LEU A 280 -32.08 9.61 4.83
N LEU A 281 -31.38 8.90 3.95
CA LEU A 281 -32.04 8.04 2.96
C LEU A 281 -32.92 6.94 3.54
N THR A 282 -32.63 6.50 4.77
CA THR A 282 -33.41 5.42 5.39
C THR A 282 -34.69 5.93 6.08
N ASP A 283 -34.88 7.25 6.13
CA ASP A 283 -36.00 7.84 6.87
C ASP A 283 -37.38 7.52 6.27
N THR A 284 -38.37 7.31 7.15
CA THR A 284 -39.75 7.06 6.72
C THR A 284 -40.45 8.37 6.37
N GLU A 285 -41.60 8.27 5.71
CA GLU A 285 -42.37 9.47 5.37
C GLU A 285 -42.57 10.36 6.61
N LYS A 286 -42.98 9.74 7.71
CA LYS A 286 -43.25 10.48 8.96
C LYS A 286 -42.03 11.31 9.38
N MET A 287 -40.85 10.69 9.33
CA MET A 287 -39.62 11.35 9.81
C MET A 287 -39.21 12.48 8.88
N VAL A 288 -39.32 12.25 7.58
CA VAL A 288 -39.04 13.28 6.59
C VAL A 288 -39.97 14.46 6.78
N LYS A 289 -41.25 14.17 7.01
CA LYS A 289 -42.27 15.18 7.27
C LYS A 289 -41.96 15.95 8.55
N ASP A 290 -41.61 15.21 9.60
CA ASP A 290 -41.30 15.80 10.90
C ASP A 290 -40.02 16.64 10.84
N LYS A 291 -38.95 16.06 10.32
CA LYS A 291 -37.65 16.74 10.27
C LYS A 291 -37.71 18.10 9.55
N ILE A 292 -38.50 18.18 8.50
CA ILE A 292 -38.62 19.40 7.70
C ILE A 292 -39.39 20.50 8.44
N ASN A 293 -40.60 20.20 8.91
CA ASN A 293 -41.37 21.16 9.71
C ASN A 293 -40.62 21.62 10.97
N VAL A 316 -38.51 30.09 3.94
CA VAL A 316 -37.43 30.51 4.84
C VAL A 316 -36.02 30.36 4.20
N ASP A 317 -35.91 30.72 2.92
CA ASP A 317 -34.64 30.69 2.14
C ASP A 317 -33.99 29.31 2.04
N VAL A 318 -33.77 28.65 3.18
CA VAL A 318 -33.19 27.30 3.23
C VAL A 318 -34.00 26.25 2.45
N PRO A 319 -35.34 26.24 2.62
CA PRO A 319 -36.11 25.21 1.94
C PRO A 319 -36.22 25.46 0.45
N ILE A 320 -36.36 26.73 0.06
CA ILE A 320 -36.32 27.14 -1.35
C ILE A 320 -35.02 26.63 -2.00
N GLN A 321 -33.91 26.75 -1.27
CA GLN A 321 -32.65 26.19 -1.72
C GLN A 321 -32.73 24.68 -1.92
N TRP A 322 -33.30 23.97 -0.94
CA TRP A 322 -33.48 22.52 -1.08
C TRP A 322 -34.21 22.16 -2.37
N LEU A 323 -35.26 22.90 -2.69
CA LEU A 323 -35.98 22.68 -3.94
C LEU A 323 -35.12 22.96 -5.17
N SER A 324 -34.23 23.94 -5.07
CA SER A 324 -33.28 24.22 -6.16
C SER A 324 -32.43 23.01 -6.48
N PHE A 325 -32.13 22.21 -5.46
CA PHE A 325 -31.34 21.01 -5.64
C PHE A 325 -32.15 19.84 -6.19
N PHE A 326 -33.39 19.68 -5.72
CA PHE A 326 -34.09 18.41 -5.88
C PHE A 326 -35.31 18.36 -6.80
N LEU A 327 -36.03 19.48 -6.90
CA LEU A 327 -37.20 19.53 -7.76
C LEU A 327 -36.74 19.62 -9.21
N GLU A 328 -37.27 18.76 -10.07
CA GLU A 328 -36.71 18.62 -11.44
C GLU A 328 -37.23 19.65 -12.45
N ASP A 329 -38.54 19.89 -12.53
CA ASP A 329 -39.06 20.80 -13.57
C ASP A 329 -38.91 22.27 -13.15
N ASP A 330 -38.49 23.09 -14.12
CA ASP A 330 -38.01 24.44 -13.83
C ASP A 330 -39.11 25.46 -13.60
N GLU A 331 -40.17 25.40 -14.41
CA GLU A 331 -41.23 26.40 -14.32
C GLU A 331 -41.92 26.33 -12.96
N GLU A 332 -42.06 25.13 -12.41
CA GLU A 332 -42.70 24.97 -11.10
C GLU A 332 -41.83 25.49 -9.96
N LEU A 333 -40.53 25.61 -10.19
CA LEU A 333 -39.65 26.28 -9.25
C LEU A 333 -39.82 27.77 -9.36
N ALA A 334 -39.90 28.26 -10.60
CA ALA A 334 -40.12 29.69 -10.85
C ALA A 334 -41.46 30.15 -10.28
N ARG A 335 -42.50 29.35 -10.47
CA ARG A 335 -43.85 29.66 -9.93
C ARG A 335 -43.78 29.78 -8.41
N VAL A 336 -43.13 28.80 -7.78
CA VAL A 336 -42.88 28.81 -6.34
C VAL A 336 -42.08 30.03 -5.93
N LYS A 337 -40.96 30.27 -6.63
CA LYS A 337 -40.13 31.47 -6.38
C LYS A 337 -40.89 32.79 -6.72
N LYS A 338 -42.04 32.98 -6.07
CA LYS A 338 -42.93 34.10 -6.30
C LYS A 338 -44.16 33.95 -5.41
N MET A 346 -47.76 30.69 1.31
CA MET A 346 -47.37 30.61 2.71
C MET A 346 -46.15 29.71 2.84
N THR A 347 -45.36 29.94 3.88
CA THR A 347 -44.19 29.10 4.21
C THR A 347 -44.51 27.59 4.23
N GLY A 348 -45.67 27.21 4.77
CA GLY A 348 -46.05 25.81 4.92
C GLY A 348 -46.44 25.09 3.63
N GLU A 349 -46.96 25.83 2.64
CA GLU A 349 -47.27 25.24 1.34
C GLU A 349 -46.00 24.88 0.58
N VAL A 350 -44.94 25.66 0.78
CA VAL A 350 -43.61 25.32 0.27
C VAL A 350 -43.19 23.97 0.82
N LYS A 351 -43.25 23.82 2.14
CA LYS A 351 -42.77 22.63 2.83
C LYS A 351 -43.49 21.37 2.36
N LYS A 352 -44.76 21.50 2.00
CA LYS A 352 -45.52 20.38 1.44
C LYS A 352 -44.87 19.87 0.16
N LEU A 353 -44.41 20.80 -0.68
CA LEU A 353 -43.79 20.43 -1.96
C LEU A 353 -42.44 19.74 -1.75
N LEU A 354 -41.64 20.26 -0.83
CA LEU A 354 -40.31 19.71 -0.55
C LEU A 354 -40.42 18.31 0.05
N ILE A 355 -41.34 18.14 1.01
CA ILE A 355 -41.57 16.84 1.64
C ILE A 355 -42.06 15.79 0.62
N ASN A 356 -42.85 16.22 -0.35
CA ASN A 356 -43.33 15.32 -1.41
C ASN A 356 -42.20 14.84 -2.30
N THR A 357 -41.35 15.78 -2.71
CA THR A 357 -40.29 15.47 -3.66
C THR A 357 -39.17 14.68 -2.99
N ILE A 358 -38.88 14.98 -1.73
CA ILE A 358 -37.88 14.23 -0.97
C ILE A 358 -38.35 12.81 -0.67
N THR A 359 -39.57 12.69 -0.17
CA THR A 359 -40.17 11.40 0.11
C THR A 359 -39.97 10.42 -1.05
N ALA A 360 -40.28 10.85 -2.27
CA ALA A 360 -40.08 10.02 -3.46
C ALA A 360 -38.62 9.56 -3.58
N ILE A 361 -37.69 10.51 -3.57
CA ILE A 361 -36.27 10.21 -3.68
C ILE A 361 -35.89 9.10 -2.68
N THR A 362 -36.26 9.31 -1.42
CA THR A 362 -35.96 8.34 -0.36
C THR A 362 -36.68 7.01 -0.57
N LYS A 363 -37.99 7.08 -0.77
CA LYS A 363 -38.83 5.90 -1.00
C LYS A 363 -38.30 5.09 -2.17
N THR A 364 -37.96 5.78 -3.26
CA THR A 364 -37.36 5.15 -4.42
C THR A 364 -36.04 4.50 -4.03
N HIS A 365 -35.23 5.21 -3.26
CA HIS A 365 -33.95 4.64 -2.85
C HIS A 365 -34.13 3.43 -1.94
N GLN A 366 -35.06 3.51 -0.99
CA GLN A 366 -35.30 2.40 -0.11
C GLN A 366 -35.80 1.21 -0.90
N GLU A 367 -36.70 1.48 -1.83
CA GLU A 367 -37.28 0.42 -2.66
C GLU A 367 -36.18 -0.22 -3.51
N LYS A 368 -35.24 0.59 -3.99
CA LYS A 368 -34.16 0.08 -4.84
C LYS A 368 -33.11 -0.70 -4.03
N ARG A 369 -32.88 -0.28 -2.79
CA ARG A 369 -31.80 -0.85 -2.00
C ARG A 369 -32.09 -2.26 -1.63
N LYS A 370 -33.36 -2.55 -1.33
CA LYS A 370 -33.74 -3.89 -0.89
C LYS A 370 -33.53 -4.96 -1.97
N LEU A 371 -33.33 -4.59 -3.23
CA LEU A 371 -32.98 -5.57 -4.27
C LEU A 371 -31.48 -5.70 -4.52
N VAL A 372 -30.68 -4.79 -3.99
CA VAL A 372 -29.21 -4.92 -4.10
C VAL A 372 -28.76 -6.15 -3.32
N THR A 373 -28.00 -7.01 -3.99
CA THR A 373 -27.58 -8.29 -3.43
C THR A 373 -26.06 -8.39 -3.30
N ASP A 374 -25.61 -9.40 -2.58
CA ASP A 374 -24.17 -9.56 -2.32
C ASP A 374 -23.37 -9.78 -3.59
N GLU A 375 -23.99 -10.39 -4.61
CA GLU A 375 -23.33 -10.58 -5.90
C GLU A 375 -23.19 -9.25 -6.63
N ASP A 376 -24.16 -8.35 -6.43
CA ASP A 376 -24.06 -7.02 -7.01
C ASP A 376 -22.86 -6.28 -6.45
N VAL A 377 -22.69 -6.34 -5.13
CA VAL A 377 -21.50 -5.77 -4.51
C VAL A 377 -20.24 -6.38 -5.10
N GLN A 378 -20.14 -7.71 -5.17
CA GLN A 378 -18.96 -8.33 -5.77
C GLN A 378 -18.79 -7.87 -7.22
N LEU A 379 -19.89 -7.76 -7.95
CA LEU A 379 -19.84 -7.37 -9.35
C LEU A 379 -19.30 -5.94 -9.56
N PHE A 380 -19.86 -4.99 -8.83
CA PHE A 380 -19.39 -3.62 -8.92
C PHE A 380 -17.95 -3.48 -8.43
N THR A 381 -17.53 -4.29 -7.47
CA THR A 381 -16.18 -4.17 -6.92
C THR A 381 -15.12 -4.92 -7.73
N SER A 382 -15.53 -5.86 -8.56
CA SER A 382 -14.57 -6.68 -9.28
C SER A 382 -13.76 -5.87 -10.28
N THR A 383 -12.60 -6.39 -10.65
CA THR A 383 -11.70 -5.67 -11.53
C THR A 383 -11.85 -6.10 -13.00
N ARG A 384 -13.08 -6.41 -13.40
CA ARG A 384 -13.33 -6.82 -14.80
C ARG A 384 -12.91 -5.76 -15.80
N ILE A 385 -12.62 -6.23 -17.02
CA ILE A 385 -12.26 -5.36 -18.11
C ILE A 385 -13.43 -4.43 -18.41
N MET A 386 -13.14 -3.14 -18.50
CA MET A 386 -14.20 -2.13 -18.67
C MET A 386 -13.75 -1.02 -19.57
N GLY A 387 -14.74 -0.27 -20.07
CA GLY A 387 -14.48 0.91 -20.89
C GLY A 387 -13.52 0.62 -22.03
N PRO A 388 -12.55 1.52 -22.23
CA PRO A 388 -11.56 1.41 -23.30
C PRO A 388 -10.79 0.09 -23.41
N ALA A 389 -10.85 -0.77 -22.39
CA ALA A 389 -10.40 -2.14 -22.57
C ALA A 389 -11.49 -3.01 -23.26
N LYS A 390 -11.93 -2.57 -24.45
CA LYS A 390 -12.80 -3.37 -25.32
C LYS A 390 -12.00 -4.19 -26.35
N LYS A 391 -10.80 -3.70 -26.69
CA LYS A 391 -9.86 -4.41 -27.56
C LYS A 391 -10.25 -5.88 -27.82
N ASN B 22 32.62 -6.80 24.45
CA ASN B 22 32.23 -6.06 23.21
C ASN B 22 30.76 -6.34 22.84
N TYR B 23 30.46 -7.61 22.60
CA TYR B 23 29.11 -8.04 22.23
C TYR B 23 28.24 -8.30 23.46
N ASP B 24 28.85 -8.84 24.50
CA ASP B 24 28.15 -9.09 25.76
C ASP B 24 27.62 -7.78 26.35
N LYS B 25 28.35 -6.69 26.11
CA LYS B 25 27.89 -5.35 26.48
C LYS B 25 26.66 -4.91 25.67
N LEU B 26 26.64 -5.23 24.37
CA LEU B 26 25.49 -4.93 23.50
C LEU B 26 24.24 -5.70 23.91
N ILE B 27 24.40 -7.01 24.14
CA ILE B 27 23.33 -7.86 24.65
C ILE B 27 22.66 -7.21 25.87
N LYS B 28 23.47 -6.68 26.79
CA LYS B 28 22.97 -6.13 28.03
C LYS B 28 22.06 -4.91 27.85
N ASP B 29 22.48 -3.95 27.02
CA ASP B 29 21.75 -2.68 26.89
C ASP B 29 20.80 -2.58 25.68
N PHE B 30 20.58 -3.69 24.97
CA PHE B 30 19.59 -3.71 23.89
C PHE B 30 18.20 -4.22 24.29
N GLY B 31 17.95 -4.62 25.53
CA GLY B 31 18.50 -5.82 26.17
C GLY B 31 18.04 -7.05 25.43
N SER B 32 18.89 -8.08 25.39
CA SER B 32 18.65 -9.27 24.59
C SER B 32 18.90 -10.54 25.41
N HIS B 33 19.24 -11.64 24.74
CA HIS B 33 19.63 -12.88 25.40
C HIS B 33 20.76 -13.53 24.64
N ALA B 34 21.79 -13.95 25.35
CA ALA B 34 22.91 -14.67 24.74
C ALA B 34 22.47 -16.07 24.33
N ILE B 35 23.10 -16.62 23.30
CA ILE B 35 22.92 -18.02 22.94
C ILE B 35 23.95 -18.86 23.70
N ASP B 36 23.50 -19.52 24.77
CA ASP B 36 24.40 -20.32 25.63
C ASP B 36 24.60 -21.73 25.07
N GLU B 37 25.42 -22.52 25.76
CA GLU B 37 25.66 -23.93 25.40
C GLU B 37 24.40 -24.79 25.53
N ALA B 38 23.57 -24.49 26.52
CA ALA B 38 22.32 -25.22 26.72
C ALA B 38 21.42 -25.13 25.49
N LEU B 39 21.33 -23.94 24.91
CA LEU B 39 20.49 -23.70 23.73
C LEU B 39 21.07 -24.37 22.47
N LEU B 40 22.39 -24.52 22.43
CA LEU B 40 23.05 -25.22 21.33
C LEU B 40 22.76 -26.71 21.37
N GLU B 41 22.79 -27.26 22.59
CA GLU B 41 22.44 -28.66 22.79
C GLU B 41 20.96 -28.88 22.44
N ARG B 42 20.11 -27.89 22.73
CA ARG B 42 18.70 -28.02 22.39
C ARG B 42 18.49 -28.04 20.88
N ILE B 43 19.13 -27.11 20.18
CA ILE B 43 19.01 -27.08 18.74
C ILE B 43 19.48 -28.42 18.19
N GLU B 44 20.56 -28.98 18.75
CA GLU B 44 21.07 -30.27 18.24
C GLU B 44 20.08 -31.42 18.40
N ARG B 45 19.50 -31.64 19.57
CA ARG B 45 18.58 -32.77 19.74
C ARG B 45 17.26 -32.56 18.99
N VAL B 46 16.89 -31.30 18.78
CA VAL B 46 15.68 -30.98 18.03
C VAL B 46 15.84 -31.33 16.54
N LEU B 47 17.01 -31.04 15.98
CA LEU B 47 17.27 -31.28 14.55
C LEU B 47 17.89 -32.65 14.27
N GLY B 48 18.47 -33.28 15.29
CA GLY B 48 19.15 -34.56 15.10
C GLY B 48 20.49 -34.42 14.39
N LYS B 49 21.04 -33.21 14.40
CA LYS B 49 22.33 -32.92 13.74
C LYS B 49 23.11 -31.92 14.59
N LYS B 50 24.31 -31.59 14.13
CA LYS B 50 25.08 -30.49 14.69
C LYS B 50 24.47 -29.19 14.21
N PRO B 51 24.51 -28.14 15.03
CA PRO B 51 24.15 -26.83 14.48
C PRO B 51 25.12 -26.34 13.40
N HIS B 52 24.64 -25.43 12.57
CA HIS B 52 25.42 -24.74 11.54
C HIS B 52 26.66 -24.12 12.18
N HIS B 53 27.73 -23.98 11.41
CA HIS B 53 28.93 -23.39 11.96
C HIS B 53 28.76 -21.96 12.48
N PHE B 54 27.79 -21.19 11.96
CA PHE B 54 27.53 -19.86 12.49
C PHE B 54 27.17 -19.91 13.97
N LEU B 55 26.37 -20.91 14.37
CA LEU B 55 26.00 -21.08 15.77
C LEU B 55 27.14 -21.68 16.59
N ARG B 56 27.81 -22.71 16.07
CA ARG B 56 28.89 -23.36 16.80
C ARG B 56 30.01 -22.38 17.08
N ARG B 57 30.30 -21.54 16.09
CA ARG B 57 31.39 -20.56 16.17
C ARG B 57 30.94 -19.25 16.78
N GLY B 58 29.65 -19.16 17.10
CA GLY B 58 29.11 -18.01 17.80
C GLY B 58 29.03 -16.74 16.96
N ILE B 59 28.74 -16.90 15.67
CA ILE B 59 28.57 -15.77 14.78
C ILE B 59 27.14 -15.29 14.93
N PHE B 60 26.20 -16.22 14.88
CA PHE B 60 24.85 -15.96 15.36
C PHE B 60 24.87 -16.29 16.85
N PHE B 61 24.80 -15.26 17.68
CA PHE B 61 25.19 -15.36 19.10
C PHE B 61 24.11 -14.94 20.11
N SER B 62 23.15 -14.14 19.67
CA SER B 62 22.13 -13.64 20.57
C SER B 62 20.75 -13.86 19.98
N HIS B 63 19.72 -13.72 20.80
CA HIS B 63 18.36 -14.02 20.36
C HIS B 63 17.27 -13.43 21.25
N ARG B 64 16.06 -13.44 20.72
CA ARG B 64 14.86 -13.09 21.47
C ARG B 64 13.84 -14.18 21.16
N ASP B 65 13.21 -14.72 22.21
CA ASP B 65 12.08 -15.64 22.06
C ASP B 65 12.38 -16.93 21.27
N LEU B 66 13.65 -17.27 21.07
CA LEU B 66 14.00 -18.47 20.31
C LEU B 66 13.50 -19.73 20.99
N ASN B 67 13.59 -19.76 22.31
N ASN B 67 13.60 -19.74 22.32
CA ASN B 67 13.10 -20.89 23.10
CA ASN B 67 13.09 -20.84 23.14
C ASN B 67 11.59 -21.07 22.95
C ASN B 67 11.60 -21.06 22.93
N LEU B 68 10.84 -19.97 22.96
CA LEU B 68 9.44 -19.99 22.66
C LEU B 68 9.22 -20.61 21.29
N LEU B 69 9.97 -20.16 20.30
CA LEU B 69 9.78 -20.68 18.95
C LEU B 69 10.01 -22.17 18.94
N LEU B 70 11.09 -22.62 19.57
CA LEU B 70 11.40 -24.04 19.61
C LEU B 70 10.33 -24.85 20.35
N ASP B 71 9.82 -24.32 21.47
CA ASP B 71 8.70 -24.96 22.17
C ASP B 71 7.58 -25.22 21.16
N VAL B 72 7.17 -24.15 20.48
CA VAL B 72 6.16 -24.20 19.43
C VAL B 72 6.41 -25.31 18.40
N TYR B 73 7.66 -25.41 17.93
CA TYR B 73 8.02 -26.36 16.87
C TYR B 73 7.91 -27.78 17.35
N GLU B 74 8.42 -28.01 18.56
CA GLU B 74 8.46 -29.35 19.14
C GLU B 74 7.06 -29.85 19.47
N SER B 75 6.08 -28.94 19.49
CA SER B 75 4.68 -29.29 19.71
C SER B 75 3.97 -29.66 18.41
N GLY B 76 4.68 -29.61 17.29
CA GLY B 76 4.08 -29.86 15.98
C GLY B 76 3.55 -28.62 15.26
N GLN B 77 3.59 -27.45 15.90
CA GLN B 77 3.23 -26.22 15.19
C GLN B 77 4.28 -25.88 14.16
N PRO B 78 3.90 -25.16 13.10
CA PRO B 78 4.85 -24.62 12.14
C PRO B 78 5.36 -23.26 12.60
N PHE B 79 6.49 -22.82 12.04
CA PHE B 79 6.88 -21.41 12.15
C PHE B 79 7.39 -20.98 10.79
N TYR B 80 7.85 -19.74 10.63
CA TYR B 80 8.44 -19.36 9.36
C TYR B 80 9.59 -18.38 9.51
N LEU B 81 10.33 -18.21 8.44
CA LEU B 81 11.47 -17.31 8.41
C LEU B 81 11.14 -16.08 7.56
N TYR B 82 11.74 -14.95 7.91
CA TYR B 82 11.55 -13.70 7.16
C TYR B 82 12.86 -12.96 7.13
N THR B 83 13.44 -12.87 5.94
CA THR B 83 14.57 -12.01 5.72
C THR B 83 14.18 -11.10 4.58
N GLY B 84 14.96 -10.05 4.36
CA GLY B 84 14.71 -9.11 3.27
C GLY B 84 15.96 -8.77 2.47
N ARG B 85 15.79 -7.94 1.46
CA ARG B 85 16.89 -7.57 0.60
C ARG B 85 16.59 -6.26 -0.11
N GLY B 86 17.41 -5.26 0.14
CA GLY B 86 17.28 -3.97 -0.56
C GLY B 86 17.94 -4.04 -1.92
N PRO B 87 17.18 -3.73 -3.00
CA PRO B 87 17.79 -3.83 -4.31
C PRO B 87 18.99 -2.91 -4.47
N SER B 88 20.06 -3.43 -5.05
CA SER B 88 21.20 -2.62 -5.44
C SER B 88 21.46 -2.81 -6.91
N SER B 89 22.14 -1.83 -7.48
CA SER B 89 22.49 -1.82 -8.88
C SER B 89 23.87 -2.43 -9.01
N GLU B 90 24.02 -3.62 -8.47
CA GLU B 90 25.31 -4.22 -8.24
C GLU B 90 25.03 -5.70 -7.99
N SER B 91 26.03 -6.42 -7.49
CA SER B 91 25.87 -7.81 -7.10
C SER B 91 26.18 -7.89 -5.62
N MET B 92 25.59 -8.86 -4.95
CA MET B 92 25.73 -8.95 -3.50
C MET B 92 27.19 -9.02 -3.10
N HIS B 93 27.53 -8.38 -1.97
CA HIS B 93 28.88 -8.45 -1.42
C HIS B 93 28.95 -9.80 -0.73
N MET B 94 30.15 -10.30 -0.46
CA MET B 94 30.25 -11.58 0.26
C MET B 94 29.50 -11.51 1.57
N GLY B 95 29.81 -10.48 2.36
CA GLY B 95 29.14 -10.23 3.63
C GLY B 95 27.61 -10.17 3.61
N HIS B 96 27.00 -9.99 2.43
CA HIS B 96 25.54 -9.97 2.36
C HIS B 96 24.94 -11.37 2.40
N LEU B 97 25.77 -12.41 2.23
CA LEU B 97 25.30 -13.79 2.13
C LEU B 97 24.88 -14.37 3.45
N ILE B 98 25.43 -13.85 4.54
CA ILE B 98 25.29 -14.51 5.83
C ILE B 98 23.83 -14.91 6.14
N PRO B 99 22.91 -13.95 6.21
CA PRO B 99 21.54 -14.30 6.56
C PRO B 99 20.84 -15.23 5.57
N PHE B 100 21.27 -15.23 4.31
CA PHE B 100 20.72 -16.16 3.32
C PHE B 100 21.30 -17.56 3.53
N MET B 101 22.60 -17.62 3.77
CA MET B 101 23.24 -18.88 4.07
C MET B 101 22.58 -19.53 5.27
N PHE B 102 22.31 -18.75 6.31
CA PHE B 102 21.77 -19.28 7.56
C PHE B 102 20.30 -19.63 7.38
N THR B 103 19.55 -18.70 6.78
CA THR B 103 18.14 -18.89 6.43
C THR B 103 17.93 -20.18 5.67
N LYS B 104 18.74 -20.37 4.63
CA LYS B 104 18.63 -21.58 3.81
C LYS B 104 18.89 -22.84 4.65
N TRP B 105 19.87 -22.78 5.55
CA TRP B 105 20.09 -23.88 6.47
C TRP B 105 18.85 -24.09 7.36
N LEU B 106 18.37 -23.03 8.00
CA LEU B 106 17.20 -23.15 8.90
C LEU B 106 16.04 -23.81 8.15
N GLN B 107 15.83 -23.36 6.93
CA GLN B 107 14.76 -23.85 6.09
C GLN B 107 14.91 -25.31 5.73
N ASP B 108 16.09 -25.70 5.25
CA ASP B 108 16.38 -27.12 4.98
C ASP B 108 16.20 -27.98 6.24
N SER B 109 16.68 -27.49 7.38
CA SER B 109 16.67 -28.27 8.61
C SER B 109 15.27 -28.43 9.16
N PHE B 110 14.63 -27.31 9.48
CA PHE B 110 13.30 -27.33 10.10
C PHE B 110 12.14 -27.58 9.13
N ARG B 111 12.42 -27.54 7.83
CA ARG B 111 11.40 -27.76 6.82
C ARG B 111 10.29 -26.70 6.93
N VAL B 112 10.71 -25.44 6.98
CA VAL B 112 9.80 -24.32 7.20
C VAL B 112 9.78 -23.30 6.05
N PRO B 113 8.71 -22.52 5.93
CA PRO B 113 8.64 -21.52 4.87
C PRO B 113 9.58 -20.37 5.11
N LEU B 114 10.01 -19.73 4.02
CA LEU B 114 10.88 -18.57 4.09
C LEU B 114 10.30 -17.50 3.21
N VAL B 115 10.16 -16.31 3.78
CA VAL B 115 9.55 -15.22 3.09
C VAL B 115 10.66 -14.20 2.84
N ILE B 116 10.98 -13.89 1.58
CA ILE B 116 12.02 -12.90 1.27
C ILE B 116 11.41 -11.60 0.67
N GLN B 117 11.59 -10.49 1.39
CA GLN B 117 11.02 -9.20 0.94
C GLN B 117 12.00 -8.39 0.12
N MET B 118 11.59 -8.01 -1.07
CA MET B 118 12.40 -7.14 -1.91
C MET B 118 11.87 -5.74 -1.77
N THR B 119 12.61 -4.87 -1.09
CA THR B 119 12.10 -3.54 -0.76
C THR B 119 12.29 -2.59 -1.94
N ASP B 120 11.64 -2.89 -3.06
CA ASP B 120 11.79 -2.06 -4.23
C ASP B 120 11.19 -0.67 -4.00
N ASP B 121 10.04 -0.60 -3.32
CA ASP B 121 9.47 0.71 -2.96
C ASP B 121 10.42 1.57 -2.10
N GLU B 122 11.17 0.93 -1.21
CA GLU B 122 12.09 1.63 -0.33
C GLU B 122 13.22 2.28 -1.10
N LYS B 123 13.81 1.56 -2.06
CA LYS B 123 14.89 2.10 -2.89
C LYS B 123 14.37 3.30 -3.68
N PHE B 124 13.17 3.12 -4.22
CA PHE B 124 12.48 4.15 -4.96
C PHE B 124 12.28 5.42 -4.14
N TYR B 125 11.88 5.26 -2.88
CA TYR B 125 11.62 6.42 -2.01
C TYR B 125 12.88 7.11 -1.47
N PHE B 126 13.97 6.35 -1.37
CA PHE B 126 15.18 6.83 -0.71
C PHE B 126 16.10 7.56 -1.68
N ARG B 127 16.44 6.90 -2.78
CA ARG B 127 17.21 7.53 -3.85
C ARG B 127 16.20 8.11 -4.81
N ASN B 128 16.58 9.15 -5.54
CA ASN B 128 15.75 9.66 -6.63
C ASN B 128 16.03 8.92 -7.95
N ILE B 129 15.44 7.73 -8.09
CA ILE B 129 15.63 6.85 -9.24
C ILE B 129 14.27 6.60 -9.89
N PRO B 130 14.25 6.43 -11.22
CA PRO B 130 13.01 6.05 -11.90
C PRO B 130 12.60 4.62 -11.62
N MET B 131 11.32 4.45 -11.28
CA MET B 131 10.74 3.15 -10.92
C MET B 131 11.14 1.97 -11.81
N GLU B 132 11.20 2.19 -13.12
CA GLU B 132 11.50 1.09 -14.03
C GLU B 132 12.95 0.65 -13.88
N GLN B 133 13.80 1.53 -13.40
CA GLN B 133 15.19 1.18 -13.12
C GLN B 133 15.32 0.36 -11.84
N VAL B 134 14.56 0.72 -10.80
CA VAL B 134 14.47 -0.05 -9.56
C VAL B 134 13.91 -1.45 -9.82
N GLU B 135 12.83 -1.51 -10.59
CA GLU B 135 12.17 -2.76 -10.85
C GLU B 135 13.10 -3.72 -11.62
N ALA B 136 13.90 -3.14 -12.52
CA ALA B 136 14.85 -3.90 -13.31
C ALA B 136 15.99 -4.41 -12.44
N MET B 137 16.49 -3.59 -11.52
CA MET B 137 17.57 -4.06 -10.64
C MET B 137 17.01 -5.08 -9.64
N THR B 138 15.81 -4.85 -9.16
CA THR B 138 15.20 -5.82 -8.27
C THR B 138 15.16 -7.21 -8.94
N THR B 139 14.69 -7.29 -10.20
CA THR B 139 14.68 -8.57 -10.92
C THR B 139 16.05 -9.23 -10.80
N GLU B 140 17.11 -8.46 -11.00
CA GLU B 140 18.46 -9.03 -10.99
C GLU B 140 18.86 -9.48 -9.59
N ASN B 141 18.49 -8.70 -8.58
CA ASN B 141 18.73 -9.15 -7.21
C ASN B 141 17.95 -10.44 -6.88
N ILE B 142 16.75 -10.59 -7.44
CA ILE B 142 15.98 -11.81 -7.23
C ILE B 142 16.72 -13.05 -7.82
N LYS B 143 17.33 -12.88 -8.99
CA LYS B 143 18.06 -13.96 -9.62
C LYS B 143 19.26 -14.40 -8.76
N ASP B 144 19.98 -13.42 -8.19
CA ASP B 144 21.13 -13.69 -7.32
C ASP B 144 20.71 -14.59 -6.17
N ILE B 145 19.51 -14.33 -5.61
CA ILE B 145 18.98 -15.13 -4.51
C ILE B 145 18.59 -16.56 -4.95
N ILE B 146 17.78 -16.66 -5.99
CA ILE B 146 17.37 -17.98 -6.48
C ILE B 146 18.60 -18.84 -6.77
N ALA B 147 19.70 -18.22 -7.22
CA ALA B 147 20.94 -18.93 -7.53
C ALA B 147 21.64 -19.52 -6.30
N MET B 148 21.18 -19.15 -5.10
CA MET B 148 21.68 -19.76 -3.86
C MET B 148 21.15 -21.18 -3.57
N GLY B 149 20.15 -21.62 -4.34
CA GLY B 149 19.62 -22.99 -4.27
C GLY B 149 18.36 -23.12 -3.45
N PHE B 150 17.71 -21.99 -3.12
CA PHE B 150 16.54 -22.00 -2.25
C PHE B 150 15.44 -22.87 -2.85
N ASP B 151 14.78 -23.67 -2.02
CA ASP B 151 13.73 -24.56 -2.47
C ASP B 151 12.42 -23.79 -2.75
N PRO B 152 12.01 -23.72 -4.02
CA PRO B 152 10.79 -22.99 -4.35
C PRO B 152 9.50 -23.59 -3.79
N GLU B 153 9.56 -24.81 -3.24
CA GLU B 153 8.39 -25.36 -2.56
C GLU B 153 8.11 -24.62 -1.25
N LEU B 154 9.16 -24.06 -0.65
CA LEU B 154 9.04 -23.43 0.65
C LEU B 154 9.64 -22.04 0.70
N THR B 155 9.84 -21.40 -0.44
CA THR B 155 10.40 -20.06 -0.42
C THR B 155 9.63 -19.09 -1.31
N PHE B 156 9.30 -17.92 -0.74
CA PHE B 156 8.45 -16.92 -1.38
C PHE B 156 9.12 -15.55 -1.40
N ILE B 157 9.63 -15.17 -2.56
CA ILE B 157 10.27 -13.88 -2.75
C ILE B 157 9.21 -12.91 -3.27
N PHE B 158 9.07 -11.74 -2.67
CA PHE B 158 8.07 -10.80 -3.15
C PHE B 158 8.57 -9.36 -3.34
N ARG B 159 7.98 -8.68 -4.32
CA ARG B 159 8.25 -7.27 -4.62
C ARG B 159 7.23 -6.45 -3.87
N ASP B 160 7.65 -5.45 -3.10
CA ASP B 160 6.66 -4.64 -2.40
C ASP B 160 5.64 -4.07 -3.40
N PHE B 161 6.12 -3.62 -4.56
CA PHE B 161 5.24 -3.00 -5.54
C PHE B 161 4.10 -3.92 -5.98
N ASP B 162 4.32 -5.23 -5.96
CA ASP B 162 3.34 -6.22 -6.40
C ASP B 162 2.56 -6.79 -5.26
N TYR B 163 3.24 -7.04 -4.15
CA TYR B 163 2.63 -7.74 -3.03
C TYR B 163 1.95 -6.84 -2.00
N MET B 164 2.30 -5.56 -1.96
CA MET B 164 1.44 -4.61 -1.23
C MET B 164 0.06 -4.77 -1.81
N GLY B 165 -0.95 -4.70 -0.95
CA GLY B 165 -2.30 -4.92 -1.41
C GLY B 165 -2.73 -6.32 -1.06
N CYS B 166 -1.92 -7.33 -1.38
CA CYS B 166 -2.11 -8.61 -0.73
C CYS B 166 -2.07 -8.41 0.79
N MET B 167 -1.07 -7.67 1.28
CA MET B 167 -0.85 -7.51 2.71
C MET B 167 -1.24 -6.13 3.28
N TYR B 168 -1.86 -5.27 2.48
CA TYR B 168 -2.17 -3.90 2.92
C TYR B 168 -2.93 -3.82 4.24
N ARG B 169 -3.76 -4.80 4.55
CA ARG B 169 -4.55 -4.75 5.79
C ARG B 169 -3.65 -4.84 7.01
N THR B 170 -2.66 -5.72 6.93
CA THR B 170 -1.73 -5.83 8.04
C THR B 170 -0.80 -4.59 8.08
N VAL B 171 -0.42 -4.08 6.91
CA VAL B 171 0.32 -2.83 6.86
C VAL B 171 -0.49 -1.71 7.50
N ALA B 172 -1.77 -1.64 7.17
CA ALA B 172 -2.63 -0.58 7.69
C ALA B 172 -2.69 -0.61 9.22
N LYS B 173 -2.67 -1.80 9.78
CA LYS B 173 -2.77 -1.95 11.23
C LYS B 173 -1.53 -1.43 11.94
N ILE B 174 -0.38 -1.49 11.26
CA ILE B 174 0.87 -1.03 11.83
C ILE B 174 1.00 0.48 11.63
N GLU B 175 0.68 0.95 10.43
CA GLU B 175 0.68 2.41 10.19
C GLU B 175 -0.16 3.12 11.24
N ARG B 176 -1.35 2.58 11.50
CA ARG B 176 -2.23 3.18 12.53
C ARG B 176 -1.64 3.07 13.95
N ALA B 177 -0.81 2.05 14.19
CA ALA B 177 -0.20 1.84 15.50
C ALA B 177 0.99 2.75 15.75
N PHE B 178 1.77 3.01 14.70
CA PHE B 178 2.94 3.91 14.76
C PHE B 178 2.47 5.37 14.67
N THR B 179 3.10 6.25 15.47
CA THR B 179 2.91 7.69 15.30
C THR B 179 4.10 8.33 14.61
N ALA B 180 3.86 9.43 13.90
CA ALA B 180 4.92 10.16 13.17
C ALA B 180 6.08 10.53 14.08
N SER B 181 5.75 11.04 15.27
CA SER B 181 6.75 11.28 16.30
C SER B 181 7.65 10.05 16.53
N GLN B 182 7.06 8.87 16.69
CA GLN B 182 7.83 7.66 16.99
C GLN B 182 8.78 7.27 15.89
N VAL B 183 8.25 7.15 14.67
CA VAL B 183 9.08 6.72 13.55
C VAL B 183 10.17 7.77 13.33
N ARG B 184 9.84 9.05 13.49
CA ARG B 184 10.88 10.08 13.49
C ARG B 184 11.96 9.70 14.47
N GLY B 185 11.54 9.36 15.69
CA GLY B 185 12.44 9.03 16.79
C GLY B 185 13.43 7.94 16.45
N CYS B 186 12.95 6.86 15.84
CA CYS B 186 13.82 5.75 15.47
C CYS B 186 14.67 6.11 14.29
N PHE B 187 14.01 6.43 13.19
CA PHE B 187 14.68 6.51 11.91
C PHE B 187 15.26 7.87 11.56
N GLY B 188 14.92 8.89 12.34
CA GLY B 188 15.48 10.23 12.15
C GLY B 188 15.05 10.93 10.88
N PHE B 189 13.80 10.73 10.46
CA PHE B 189 13.30 11.38 9.24
C PHE B 189 13.07 12.86 9.46
N ALA B 190 13.48 13.65 8.46
CA ALA B 190 13.27 15.10 8.43
C ALA B 190 11.92 15.41 7.81
N MET B 191 11.39 16.59 8.11
CA MET B 191 10.15 17.04 7.48
C MET B 191 10.31 17.20 5.95
N GLU B 192 11.51 17.51 5.49
CA GLU B 192 11.75 17.68 4.07
C GLU B 192 11.87 16.30 3.39
N ASP B 193 11.92 15.23 4.18
CA ASP B 193 11.90 13.89 3.63
C ASP B 193 10.51 13.56 3.14
N ASN B 194 10.45 12.83 2.03
CA ASN B 194 9.17 12.51 1.37
C ASN B 194 8.35 11.48 2.11
N CYS B 195 7.04 11.53 1.88
CA CYS B 195 6.06 10.71 2.57
C CYS B 195 6.28 9.23 2.41
N GLY B 196 6.90 8.83 1.30
CA GLY B 196 7.32 7.44 1.10
C GLY B 196 8.23 6.92 2.21
N ARG B 197 9.26 7.71 2.55
CA ARG B 197 10.17 7.34 3.64
C ARG B 197 9.42 7.22 4.96
N TRP B 198 8.52 8.16 5.24
CA TRP B 198 7.84 8.14 6.54
C TRP B 198 6.97 6.89 6.69
N MET B 199 6.32 6.45 5.62
CA MET B 199 5.39 5.32 5.68
C MET B 199 6.06 3.96 5.57
N PHE B 200 7.32 3.91 5.14
CA PHE B 200 7.91 2.63 4.83
C PHE B 200 8.10 1.71 6.05
N PRO B 201 8.55 2.24 7.19
CA PRO B 201 8.75 1.33 8.32
C PRO B 201 7.66 0.28 8.56
N ALA B 202 6.40 0.64 8.42
CA ALA B 202 5.32 -0.32 8.61
C ALA B 202 5.34 -1.42 7.53
N ILE B 203 5.74 -1.05 6.32
CA ILE B 203 5.84 -2.01 5.23
C ILE B 203 6.92 -3.05 5.53
N GLN B 204 8.00 -2.59 6.15
CA GLN B 204 9.07 -3.49 6.57
C GLN B 204 8.66 -4.32 7.76
N ALA B 205 7.83 -3.77 8.64
CA ALA B 205 7.34 -4.50 9.79
C ALA B 205 6.40 -5.63 9.37
N ALA B 206 5.53 -5.35 8.41
CA ALA B 206 4.38 -6.20 8.09
C ALA B 206 4.70 -7.70 7.97
N PRO B 207 5.78 -8.07 7.26
CA PRO B 207 6.14 -9.47 7.11
C PRO B 207 6.49 -10.20 8.40
N SER B 208 6.89 -9.48 9.45
CA SER B 208 7.08 -10.11 10.76
C SER B 208 5.84 -10.83 11.26
N PHE B 209 4.70 -10.66 10.57
CA PHE B 209 3.42 -11.20 11.03
C PHE B 209 2.71 -12.13 10.03
N SER B 210 2.28 -13.28 10.51
CA SER B 210 1.78 -14.31 9.61
C SER B 210 0.54 -13.91 8.86
N ALA B 211 -0.22 -12.96 9.39
CA ALA B 211 -1.39 -12.40 8.69
C ALA B 211 -1.02 -11.80 7.32
N ALA B 212 0.24 -11.41 7.13
CA ALA B 212 0.69 -10.84 5.85
C ALA B 212 0.70 -11.86 4.73
N PHE B 213 0.59 -13.15 5.03
CA PHE B 213 0.67 -14.17 3.98
C PHE B 213 -0.42 -15.24 4.09
N PRO B 214 -1.68 -14.89 3.81
CA PRO B 214 -2.76 -15.85 3.88
C PRO B 214 -2.68 -16.99 2.86
N HIS B 215 -2.01 -16.76 1.73
CA HIS B 215 -1.75 -17.83 0.77
C HIS B 215 -0.76 -18.85 1.29
N ILE B 216 -0.10 -18.59 2.41
CA ILE B 216 0.76 -19.60 3.00
C ILE B 216 0.32 -19.98 4.42
N PHE B 217 -0.25 -19.01 5.16
CA PHE B 217 -0.83 -19.25 6.49
C PHE B 217 -2.29 -18.83 6.53
N PRO B 218 -3.21 -19.80 6.48
CA PRO B 218 -4.60 -19.39 6.38
C PRO B 218 -5.11 -18.71 7.65
N PRO B 219 -5.90 -17.65 7.52
CA PRO B 219 -6.34 -16.95 8.75
C PRO B 219 -7.22 -17.79 9.69
N SER B 220 -7.76 -18.91 9.23
CA SER B 220 -8.53 -19.81 10.10
C SER B 220 -7.67 -20.64 11.05
N MET B 221 -6.36 -20.59 10.88
CA MET B 221 -5.44 -21.36 11.75
C MET B 221 -4.74 -20.46 12.77
N GLY B 222 -4.92 -19.15 12.64
CA GLY B 222 -4.32 -18.23 13.59
C GLY B 222 -2.84 -17.97 13.34
N ASN B 223 -2.16 -17.49 14.38
CA ASN B 223 -0.82 -16.92 14.23
C ASN B 223 0.22 -18.00 14.17
N VAL B 224 1.17 -17.83 13.26
CA VAL B 224 2.32 -18.70 13.13
C VAL B 224 3.59 -17.90 13.43
N PHE B 225 4.44 -18.49 14.25
CA PHE B 225 5.66 -17.84 14.74
C PHE B 225 6.62 -17.45 13.61
N CYS B 226 7.23 -16.29 13.74
CA CYS B 226 8.17 -15.79 12.75
C CYS B 226 9.56 -15.65 13.37
N LEU B 227 10.59 -16.03 12.63
CA LEU B 227 11.96 -15.91 13.08
C LEU B 227 12.70 -15.02 12.11
N ILE B 228 13.36 -13.98 12.62
CA ILE B 228 14.07 -13.03 11.79
C ILE B 228 15.57 -13.04 12.07
N PRO B 229 16.40 -13.47 11.11
CA PRO B 229 17.82 -13.31 11.29
C PRO B 229 18.24 -11.90 10.92
N GLN B 230 18.94 -11.21 11.82
CA GLN B 230 19.42 -9.86 11.54
C GLN B 230 20.66 -9.51 12.36
N ALA B 231 21.55 -8.70 11.78
CA ALA B 231 22.72 -8.26 12.51
C ALA B 231 22.28 -7.39 13.67
N ILE B 232 23.01 -7.49 14.77
CA ILE B 232 22.62 -6.89 16.05
C ILE B 232 22.32 -5.39 15.97
N ASP B 233 23.03 -4.68 15.09
CA ASP B 233 22.83 -3.23 14.92
C ASP B 233 21.37 -2.78 14.61
N GLN B 234 20.59 -3.60 13.91
CA GLN B 234 19.24 -3.19 13.46
C GLN B 234 18.15 -3.37 14.53
N ASP B 235 18.49 -4.06 15.62
CA ASP B 235 17.53 -4.32 16.71
C ASP B 235 16.78 -3.08 17.24
N PRO B 236 17.51 -1.96 17.46
CA PRO B 236 16.88 -0.73 17.98
C PRO B 236 15.73 -0.10 17.15
N TYR B 237 15.61 -0.47 15.88
CA TYR B 237 14.50 -0.01 15.03
C TYR B 237 13.19 -0.70 15.42
N PHE B 238 13.37 -1.90 15.95
CA PHE B 238 12.48 -3.02 15.77
C PHE B 238 11.78 -3.39 17.10
N ARG B 239 12.32 -2.93 18.22
CA ARG B 239 11.57 -2.93 19.49
C ARG B 239 10.20 -2.28 19.28
N LEU B 240 10.15 -1.29 18.39
CA LEU B 240 8.89 -0.69 17.97
C LEU B 240 7.90 -1.75 17.47
N THR B 241 8.26 -2.47 16.42
CA THR B 241 7.35 -3.45 15.82
C THR B 241 7.07 -4.66 16.73
N ARG B 242 7.99 -4.99 17.63
CA ARG B 242 7.81 -6.14 18.52
C ARG B 242 6.81 -5.87 19.63
N ASP B 243 6.88 -4.67 20.21
CA ASP B 243 6.05 -4.40 21.39
C ASP B 243 4.58 -4.13 21.04
N ILE B 244 4.29 -3.86 19.77
CA ILE B 244 2.94 -3.54 19.33
C ILE B 244 2.15 -4.77 18.88
N ALA B 245 2.80 -5.93 18.86
CA ALA B 245 2.18 -7.16 18.36
C ALA B 245 0.92 -7.55 19.12
N PRO B 246 1.02 -7.70 20.45
CA PRO B 246 -0.16 -8.14 21.18
C PRO B 246 -1.37 -7.21 21.13
N ARG B 247 -1.16 -5.91 20.92
CA ARG B 247 -2.29 -4.96 20.75
C ARG B 247 -3.08 -5.28 19.46
N LEU B 248 -2.38 -5.85 18.49
CA LEU B 248 -2.96 -6.35 17.24
C LEU B 248 -3.40 -7.81 17.38
N GLY B 249 -3.07 -8.42 18.51
CA GLY B 249 -3.36 -9.82 18.73
C GLY B 249 -2.40 -10.68 17.92
N TYR B 250 -1.25 -10.12 17.58
CA TYR B 250 -0.26 -10.83 16.80
C TYR B 250 0.83 -11.34 17.73
N LEU B 251 1.75 -12.11 17.16
CA LEU B 251 2.75 -12.82 17.93
C LEU B 251 4.08 -12.09 17.76
N LYS B 252 4.53 -11.43 18.82
CA LYS B 252 5.86 -10.82 18.82
C LYS B 252 6.88 -11.80 18.24
N PRO B 253 7.49 -11.45 17.10
CA PRO B 253 8.34 -12.33 16.32
C PRO B 253 9.67 -12.61 16.97
N ALA B 254 10.17 -13.83 16.83
CA ALA B 254 11.46 -14.19 17.39
C ALA B 254 12.57 -13.62 16.51
N VAL B 255 13.72 -13.35 17.12
CA VAL B 255 14.87 -12.83 16.42
C VAL B 255 16.13 -13.61 16.80
N ILE B 256 17.03 -13.81 15.84
CA ILE B 256 18.34 -14.39 16.09
C ILE B 256 19.39 -13.42 15.53
N HIS B 257 20.37 -13.07 16.36
CA HIS B 257 21.31 -11.98 16.07
C HIS B 257 22.67 -12.45 15.56
N SER B 258 23.16 -11.82 14.49
CA SER B 258 24.49 -12.09 13.95
C SER B 258 25.50 -11.03 14.37
N LYS B 259 26.78 -11.42 14.37
CA LYS B 259 27.90 -10.51 14.59
C LYS B 259 28.18 -9.75 13.31
N PHE B 260 28.92 -8.65 13.42
CA PHE B 260 29.25 -7.84 12.26
C PHE B 260 30.12 -8.61 11.28
N PHE B 261 29.90 -8.41 9.98
CA PHE B 261 30.84 -8.88 8.99
C PHE B 261 31.93 -7.83 8.81
N PRO B 262 33.21 -8.24 8.89
CA PRO B 262 34.31 -7.29 8.72
C PRO B 262 34.68 -7.04 7.26
N GLY B 263 34.77 -5.76 6.89
CA GLY B 263 35.09 -5.35 5.52
C GLY B 263 36.55 -5.55 5.16
N LEU B 264 37.13 -4.59 4.43
CA LEU B 264 38.49 -4.72 3.93
C LEU B 264 39.37 -3.45 4.03
N SER B 265 38.85 -2.35 4.61
CA SER B 265 39.64 -1.12 4.81
C SER B 265 39.32 -0.47 6.17
N ALA B 278 35.36 -4.05 -1.64
CA ALA B 278 34.69 -5.29 -1.23
C ALA B 278 34.65 -6.34 -2.34
N VAL B 279 34.36 -7.59 -1.98
CA VAL B 279 34.31 -8.73 -2.91
C VAL B 279 32.86 -9.03 -3.32
N LEU B 280 32.61 -9.17 -4.62
CA LEU B 280 31.26 -9.38 -5.16
C LEU B 280 31.07 -10.77 -5.80
N LEU B 281 29.84 -11.28 -5.78
CA LEU B 281 29.52 -12.60 -6.36
C LEU B 281 29.82 -12.73 -7.86
N THR B 282 29.88 -11.63 -8.59
CA THR B 282 30.16 -11.69 -10.03
C THR B 282 31.66 -11.70 -10.33
N ASP B 283 32.50 -11.54 -9.31
CA ASP B 283 33.94 -11.37 -9.51
C ASP B 283 34.61 -12.64 -10.05
N THR B 284 35.59 -12.46 -10.94
CA THR B 284 36.37 -13.58 -11.49
C THR B 284 37.42 -14.05 -10.50
N GLU B 285 38.04 -15.20 -10.77
CA GLU B 285 39.12 -15.69 -9.91
C GLU B 285 40.21 -14.63 -9.73
N LYS B 286 40.60 -13.99 -10.83
CA LYS B 286 41.66 -12.99 -10.79
C LYS B 286 41.30 -11.89 -9.78
N MET B 287 40.07 -11.39 -9.85
CA MET B 287 39.64 -10.26 -9.04
C MET B 287 39.56 -10.63 -7.56
N VAL B 288 39.02 -11.81 -7.29
CA VAL B 288 38.97 -12.33 -5.92
C VAL B 288 40.37 -12.47 -5.35
N LYS B 289 41.29 -12.98 -6.18
CA LYS B 289 42.69 -13.13 -5.79
C LYS B 289 43.32 -11.77 -5.53
N ASP B 290 43.07 -10.83 -6.42
CA ASP B 290 43.63 -9.49 -6.33
C ASP B 290 43.07 -8.75 -5.12
N LYS B 291 41.75 -8.72 -5.01
CA LYS B 291 41.07 -7.97 -3.93
C LYS B 291 41.55 -8.40 -2.54
N ILE B 292 41.80 -9.69 -2.37
CA ILE B 292 42.22 -10.23 -1.07
C ILE B 292 43.65 -9.81 -0.71
N ASN B 293 44.60 -10.10 -1.59
CA ASN B 293 45.99 -9.67 -1.37
C ASN B 293 46.03 -8.13 -1.22
N LYS B 294 46.58 -7.66 -0.11
CA LYS B 294 46.49 -6.24 0.32
C LYS B 294 45.35 -6.04 1.32
N PRO B 319 41.25 -11.67 7.96
CA PRO B 319 41.05 -12.80 7.05
C PRO B 319 40.73 -14.09 7.80
N ILE B 320 41.36 -14.28 8.97
CA ILE B 320 41.00 -15.37 9.86
C ILE B 320 39.50 -15.33 10.15
N GLN B 321 38.97 -14.12 10.37
CA GLN B 321 37.53 -13.94 10.55
C GLN B 321 36.76 -14.38 9.32
N TRP B 322 37.20 -13.98 8.14
CA TRP B 322 36.54 -14.40 6.91
C TRP B 322 36.41 -15.92 6.85
N LEU B 323 37.48 -16.62 7.21
CA LEU B 323 37.45 -18.09 7.22
C LEU B 323 36.45 -18.62 8.23
N SER B 324 36.33 -17.94 9.37
CA SER B 324 35.32 -18.29 10.38
C SER B 324 33.92 -18.32 9.78
N PHE B 325 33.67 -17.41 8.83
CA PHE B 325 32.37 -17.35 8.19
C PHE B 325 32.18 -18.40 7.09
N PHE B 326 33.23 -18.71 6.34
CA PHE B 326 33.04 -19.40 5.07
C PHE B 326 33.61 -20.81 4.95
N LEU B 327 34.71 -21.10 5.64
CA LEU B 327 35.31 -22.42 5.59
C LEU B 327 34.43 -23.37 6.39
N GLU B 328 34.07 -24.51 5.82
CA GLU B 328 33.07 -25.40 6.44
C GLU B 328 33.61 -26.37 7.53
N ASP B 329 34.71 -27.08 7.26
CA ASP B 329 35.19 -28.07 8.24
C ASP B 329 35.98 -27.40 9.38
N ASP B 330 35.74 -27.86 10.60
CA ASP B 330 36.18 -27.16 11.82
C ASP B 330 37.63 -27.39 12.18
N GLU B 331 38.11 -28.62 12.04
CA GLU B 331 39.47 -28.93 12.45
C GLU B 331 40.51 -28.17 11.61
N GLU B 332 40.21 -27.96 10.33
CA GLU B 332 41.12 -27.21 9.46
C GLU B 332 41.16 -25.73 9.80
N LEU B 333 40.10 -25.24 10.45
CA LEU B 333 40.11 -23.87 10.96
C LEU B 333 40.97 -23.82 12.22
N ALA B 334 40.81 -24.82 13.07
CA ALA B 334 41.62 -24.93 14.28
C ALA B 334 43.11 -25.06 13.94
N ARG B 335 43.42 -25.90 12.97
CA ARG B 335 44.80 -26.10 12.52
C ARG B 335 45.38 -24.77 12.06
N VAL B 336 44.61 -24.05 11.24
CA VAL B 336 44.99 -22.72 10.78
C VAL B 336 45.17 -21.78 11.96
N LYS B 337 44.16 -21.72 12.84
CA LYS B 337 44.22 -20.88 14.03
C LYS B 337 45.32 -21.36 15.01
N LYS B 338 46.56 -21.39 14.50
CA LYS B 338 47.74 -21.85 15.20
C LYS B 338 48.87 -21.80 14.18
N GLU B 339 48.92 -22.83 13.35
CA GLU B 339 50.07 -23.16 12.52
C GLU B 339 49.62 -23.59 11.11
N GLY B 343 53.32 -19.27 15.24
CA GLY B 343 54.39 -18.82 14.37
C GLY B 343 54.84 -19.90 13.39
N ARG B 344 53.88 -20.45 12.64
CA ARG B 344 54.16 -21.44 11.61
C ARG B 344 53.60 -21.00 10.26
N ILE B 345 52.27 -20.82 10.20
CA ILE B 345 51.63 -20.24 9.00
C ILE B 345 52.11 -18.81 8.75
N MET B 346 52.58 -18.54 7.54
CA MET B 346 52.82 -17.17 7.10
C MET B 346 51.46 -16.57 6.73
N THR B 347 51.37 -15.23 6.82
CA THR B 347 50.17 -14.49 6.42
C THR B 347 49.64 -14.90 5.03
N GLY B 348 50.54 -15.10 4.07
CA GLY B 348 50.16 -15.41 2.68
C GLY B 348 49.61 -16.81 2.43
N GLU B 349 50.01 -17.77 3.25
CA GLU B 349 49.45 -19.13 3.15
C GLU B 349 48.01 -19.18 3.63
N VAL B 350 47.67 -18.31 4.59
CA VAL B 350 46.28 -18.10 4.98
C VAL B 350 45.47 -17.65 3.77
N LYS B 351 45.93 -16.59 3.13
CA LYS B 351 45.22 -15.96 2.03
C LYS B 351 44.94 -16.92 0.89
N LYS B 352 45.85 -17.87 0.66
CA LYS B 352 45.66 -18.91 -0.33
C LYS B 352 44.40 -19.73 -0.01
N LEU B 353 44.20 -20.06 1.26
CA LEU B 353 43.04 -20.85 1.67
C LEU B 353 41.73 -20.09 1.51
N LEU B 354 41.73 -18.82 1.89
CA LEU B 354 40.54 -17.98 1.81
C LEU B 354 40.15 -17.77 0.34
N ILE B 355 41.12 -17.47 -0.51
CA ILE B 355 40.87 -17.26 -1.94
C ILE B 355 40.33 -18.53 -2.61
N ASN B 356 40.79 -19.69 -2.16
CA ASN B 356 40.28 -20.97 -2.69
C ASN B 356 38.83 -21.20 -2.32
N THR B 357 38.51 -20.95 -1.06
CA THR B 357 37.18 -21.23 -0.57
C THR B 357 36.17 -20.21 -1.09
N ILE B 358 36.57 -18.95 -1.22
CA ILE B 358 35.68 -17.91 -1.77
C ILE B 358 35.42 -18.14 -3.25
N THR B 359 36.48 -18.39 -3.99
CA THR B 359 36.39 -18.68 -5.41
C THR B 359 35.30 -19.71 -5.72
N ALA B 360 35.31 -20.85 -5.01
CA ALA B 360 34.25 -21.85 -5.16
C ALA B 360 32.87 -21.21 -4.93
N ILE B 361 32.66 -20.59 -3.78
CA ILE B 361 31.37 -19.99 -3.48
C ILE B 361 30.89 -19.16 -4.68
N THR B 362 31.77 -18.25 -5.14
CA THR B 362 31.44 -17.36 -6.25
C THR B 362 31.22 -18.12 -7.55
N LYS B 363 32.18 -18.98 -7.89
CA LYS B 363 32.12 -19.79 -9.12
C LYS B 363 30.84 -20.61 -9.14
N THR B 364 30.52 -21.22 -8.00
CA THR B 364 29.30 -21.99 -7.87
C THR B 364 28.10 -21.08 -8.08
N HIS B 365 28.13 -19.90 -7.49
CA HIS B 365 27.01 -18.98 -7.65
C HIS B 365 26.88 -18.48 -9.09
N GLN B 366 28.01 -18.18 -9.73
CA GLN B 366 27.96 -17.75 -11.11
C GLN B 366 27.44 -18.87 -11.97
N GLU B 367 27.91 -20.09 -11.71
CA GLU B 367 27.47 -21.23 -12.51
C GLU B 367 25.97 -21.45 -12.30
N LYS B 368 25.50 -21.26 -11.08
CA LYS B 368 24.08 -21.50 -10.80
C LYS B 368 23.20 -20.39 -11.37
N ARG B 369 23.71 -19.16 -11.41
CA ARG B 369 22.88 -18.01 -11.81
C ARG B 369 22.51 -18.10 -13.27
N LYS B 370 23.45 -18.55 -14.09
CA LYS B 370 23.22 -18.60 -15.52
C LYS B 370 22.12 -19.60 -15.94
N LEU B 371 21.65 -20.45 -15.02
CA LEU B 371 20.48 -21.31 -15.31
C LEU B 371 19.16 -20.79 -14.74
N VAL B 372 19.20 -19.75 -13.89
CA VAL B 372 17.98 -19.10 -13.43
C VAL B 372 17.31 -18.43 -14.61
N THR B 373 16.03 -18.73 -14.82
CA THR B 373 15.27 -18.24 -15.96
C THR B 373 14.10 -17.36 -15.55
N ASP B 374 13.49 -16.69 -16.53
CA ASP B 374 12.41 -15.75 -16.26
C ASP B 374 11.16 -16.40 -15.65
N GLU B 375 10.95 -17.68 -15.96
CA GLU B 375 9.86 -18.46 -15.35
C GLU B 375 10.16 -18.79 -13.88
N ASP B 376 11.43 -18.95 -13.55
CA ASP B 376 11.84 -19.17 -12.14
C ASP B 376 11.50 -17.95 -11.33
N VAL B 377 11.85 -16.79 -11.84
CA VAL B 377 11.47 -15.55 -11.19
C VAL B 377 9.94 -15.50 -10.99
N GLN B 378 9.18 -15.71 -12.06
CA GLN B 378 7.73 -15.70 -11.91
C GLN B 378 7.26 -16.72 -10.87
N LEU B 379 7.89 -17.90 -10.89
CA LEU B 379 7.51 -18.98 -9.98
C LEU B 379 7.76 -18.61 -8.52
N PHE B 380 8.98 -18.18 -8.22
CA PHE B 380 9.29 -17.80 -6.86
C PHE B 380 8.46 -16.61 -6.37
N THR B 381 8.06 -15.72 -7.27
CA THR B 381 7.30 -14.53 -6.90
C THR B 381 5.81 -14.77 -6.83
N SER B 382 5.30 -15.83 -7.47
CA SER B 382 3.86 -16.06 -7.51
C SER B 382 3.28 -16.33 -6.13
N THR B 383 1.98 -16.14 -6.00
CA THR B 383 1.30 -16.30 -4.72
C THR B 383 0.65 -17.67 -4.59
N ARG B 384 1.28 -18.71 -5.12
CA ARG B 384 0.72 -20.05 -5.00
C ARG B 384 0.55 -20.47 -3.56
N ILE B 385 -0.34 -21.45 -3.36
CA ILE B 385 -0.59 -22.04 -2.06
C ILE B 385 0.70 -22.72 -1.61
N MET B 386 1.09 -22.49 -0.36
CA MET B 386 2.35 -23.03 0.15
C MET B 386 2.24 -23.34 1.61
N GLY B 387 3.19 -24.14 2.08
CA GLY B 387 3.28 -24.52 3.47
C GLY B 387 1.97 -25.03 4.02
N PRO B 388 1.59 -24.57 5.23
CA PRO B 388 0.38 -24.97 5.92
C PRO B 388 -0.94 -24.90 5.13
N ALA B 389 -0.98 -24.18 4.02
CA ALA B 389 -2.07 -24.32 3.08
C ALA B 389 -1.88 -25.59 2.21
N LYS B 390 -1.80 -26.75 2.85
CA LYS B 390 -1.88 -28.06 2.19
C LYS B 390 -3.31 -28.66 2.19
N LYS B 391 -4.12 -28.23 3.17
CA LYS B 391 -5.54 -28.61 3.26
C LYS B 391 -6.09 -29.25 1.97
#